data_7MC0
#
_entry.id   7MC0
#
_cell.length_a   1.00
_cell.length_b   1.00
_cell.length_c   1.00
_cell.angle_alpha   90.00
_cell.angle_beta   90.00
_cell.angle_gamma   90.00
#
_symmetry.space_group_name_H-M   'P 1'
#
loop_
_entity.id
_entity.type
_entity.pdbx_description
1 polymer 'ABC transporter, permease protein'
2 polymer 'ABC transporter, ATP-binding protein'
#
loop_
_entity_poly.entity_id
_entity_poly.type
_entity_poly.pdbx_seq_one_letter_code
_entity_poly.pdbx_strand_id
1 'polypeptide(L)'
;MADLTFQQAVSTIVGMKDEIFRALGETFVMVGLSTTFAVIFGTLLGVLLFVTSSRQLHYNKLVNFLLDNLVNLMRAFPFV
ILMIAMIPATRAIVGSTIGPVAASLVLSVSGLFYFARLVEQNLREVPKGVIEAAAAMGAPPIAIVCKVLLNEARAGMVSS
ITVLAIGLLSYSAAAGMIGGGGLGDLAIRYGYYRYQTEVIIFIVALLVLLVILIQSTGNALARKLDKR
;
A,B
2 'polypeptide(L)'
;MGHHHHHHHHHHSSGHIDDDDKHMIILDKVSKHYQTRDKTRFAAVEPTSLEIRDGEIFGLMGYSGAGKSTLLRLINLLER
PDSGKVNVCGQELTALDAAALRQARQNIGMVFQQFNLLSNRTVADNVAFPLEIAGWPSEKIKARVKECLEIVGLTERAGH
YPAQLSGGQKQRVGIARALAPKPQVILADEPTSALDPATTRSVLECLEDINKRFNVTIVIVTHEMSVIRRLCDRAALLDK
GKVVEIVEVRGNQIHAQSDIGRELIRED
;
C,D
#
# COMPACT_ATOMS: atom_id res chain seq x y z
N THR A 5 -30.73 13.27 -41.71
CA THR A 5 -29.95 12.18 -41.18
C THR A 5 -29.69 11.11 -42.23
N PHE A 6 -30.60 10.91 -43.17
CA PHE A 6 -30.50 9.82 -44.14
C PHE A 6 -29.22 9.91 -44.99
N GLN A 7 -28.78 11.15 -45.25
CA GLN A 7 -27.50 11.49 -45.88
C GLN A 7 -26.28 10.85 -45.17
N GLN A 8 -26.25 10.83 -43.83
CA GLN A 8 -25.21 10.13 -43.06
C GLN A 8 -25.35 8.61 -43.18
N ALA A 9 -26.57 8.09 -43.03
CA ALA A 9 -26.78 6.65 -43.01
C ALA A 9 -26.45 6.02 -44.37
N VAL A 10 -27.00 6.56 -45.46
CA VAL A 10 -26.78 6.07 -46.82
C VAL A 10 -25.31 6.13 -47.21
N SER A 11 -24.67 7.28 -46.99
CA SER A 11 -23.21 7.37 -47.25
C SER A 11 -22.46 6.27 -46.50
N THR A 12 -22.63 6.19 -45.17
CA THR A 12 -21.91 5.17 -44.38
C THR A 12 -22.19 3.77 -44.91
N ILE A 13 -23.42 3.28 -44.95
CA ILE A 13 -23.67 1.88 -45.29
C ILE A 13 -23.15 1.48 -46.66
N VAL A 14 -23.40 2.23 -47.75
CA VAL A 14 -23.08 1.63 -49.05
C VAL A 14 -21.59 1.55 -49.31
N GLY A 15 -20.89 2.68 -49.27
CA GLY A 15 -19.48 2.68 -49.65
C GLY A 15 -18.62 2.03 -48.59
N MET A 16 -18.88 2.45 -47.35
CA MET A 16 -18.06 2.09 -46.23
C MET A 16 -18.31 0.67 -45.75
N LYS A 17 -19.41 -0.03 -46.07
CA LYS A 17 -19.47 -1.48 -45.82
C LYS A 17 -18.41 -2.27 -46.57
N ASP A 18 -18.00 -1.84 -47.76
CA ASP A 18 -16.83 -2.49 -48.39
C ASP A 18 -15.51 -2.19 -47.66
N GLU A 19 -15.25 -0.97 -47.21
CA GLU A 19 -13.96 -0.62 -46.55
C GLU A 19 -13.88 -0.89 -45.04
N ILE A 20 -14.93 -0.65 -44.27
CA ILE A 20 -14.98 -0.85 -42.80
C ILE A 20 -14.72 -2.32 -42.47
N PHE A 21 -15.29 -3.27 -43.21
CA PHE A 21 -15.08 -4.67 -42.88
C PHE A 21 -13.64 -5.12 -43.12
N ARG A 22 -12.91 -4.51 -44.07
CA ARG A 22 -11.47 -4.71 -44.22
C ARG A 22 -10.68 -4.05 -43.09
N ALA A 23 -11.00 -2.81 -42.71
CA ALA A 23 -10.30 -2.07 -41.65
C ALA A 23 -10.44 -2.70 -40.25
N LEU A 24 -11.60 -3.25 -39.90
CA LEU A 24 -11.77 -4.01 -38.66
C LEU A 24 -11.07 -5.37 -38.70
N GLY A 25 -11.09 -6.07 -39.83
CA GLY A 25 -10.30 -7.28 -40.04
C GLY A 25 -8.79 -7.09 -39.88
N GLU A 26 -8.24 -5.97 -40.34
CA GLU A 26 -6.83 -5.61 -40.14
C GLU A 26 -6.50 -5.15 -38.71
N THR A 27 -7.43 -4.54 -37.98
CA THR A 27 -7.14 -4.05 -36.62
C THR A 27 -7.16 -5.20 -35.60
N PHE A 28 -8.08 -6.14 -35.70
CA PHE A 28 -8.13 -7.29 -34.79
C PHE A 28 -6.94 -8.26 -34.97
N VAL A 29 -6.44 -8.50 -36.19
CA VAL A 29 -5.23 -9.32 -36.37
C VAL A 29 -3.97 -8.61 -35.88
N MET A 30 -3.89 -7.30 -36.08
CA MET A 30 -2.71 -6.50 -35.64
C MET A 30 -2.62 -6.55 -34.11
N VAL A 31 -3.76 -6.55 -33.42
CA VAL A 31 -3.75 -6.51 -31.92
C VAL A 31 -3.71 -7.94 -31.37
N GLY A 32 -4.63 -8.80 -31.81
CA GLY A 32 -4.66 -10.19 -31.32
C GLY A 32 -3.35 -10.94 -31.41
N LEU A 33 -2.63 -10.88 -32.54
CA LEU A 33 -1.41 -11.71 -32.71
C LEU A 33 -0.28 -11.11 -31.88
N SER A 34 -0.34 -9.80 -31.61
CA SER A 34 0.75 -9.13 -30.85
C SER A 34 0.55 -9.37 -29.34
N THR A 35 -0.69 -9.24 -28.85
CA THR A 35 -0.97 -9.43 -27.40
C THR A 35 -0.54 -10.83 -26.97
N THR A 36 -0.86 -11.88 -27.74
CA THR A 36 -0.53 -13.26 -27.31
C THR A 36 0.98 -13.35 -27.03
N PHE A 37 1.82 -12.95 -27.99
CA PHE A 37 3.30 -13.05 -27.80
C PHE A 37 3.71 -12.14 -26.65
N ALA A 38 3.09 -10.97 -26.46
CA ALA A 38 3.54 -10.14 -25.33
C ALA A 38 3.20 -10.80 -23.99
N VAL A 39 2.02 -11.39 -23.82
CA VAL A 39 1.65 -12.11 -22.56
C VAL A 39 2.57 -13.33 -22.34
N ILE A 40 2.94 -14.04 -23.42
CA ILE A 40 3.79 -15.26 -23.30
C ILE A 40 5.23 -14.89 -22.99
N PHE A 41 5.78 -13.80 -23.53
CA PHE A 41 7.19 -13.54 -23.21
C PHE A 41 7.34 -12.54 -22.07
N GLY A 42 6.37 -11.63 -21.89
CA GLY A 42 6.44 -10.72 -20.77
C GLY A 42 6.34 -11.43 -19.45
N THR A 43 5.56 -12.51 -19.38
CA THR A 43 5.50 -13.27 -18.13
C THR A 43 6.89 -13.76 -17.73
N LEU A 44 7.60 -14.41 -18.66
CA LEU A 44 8.92 -14.93 -18.36
C LEU A 44 9.87 -13.81 -17.96
N LEU A 45 9.88 -12.70 -18.69
CA LEU A 45 10.82 -11.64 -18.35
C LEU A 45 10.48 -11.03 -16.99
N GLY A 46 9.19 -10.82 -16.72
CA GLY A 46 8.81 -10.23 -15.45
C GLY A 46 9.14 -11.11 -14.26
N VAL A 47 9.08 -12.42 -14.46
CA VAL A 47 9.50 -13.32 -13.37
C VAL A 47 10.99 -13.12 -13.07
N LEU A 48 11.84 -13.11 -14.09
CA LEU A 48 13.27 -12.90 -13.84
C LEU A 48 13.54 -11.56 -13.20
N LEU A 49 12.76 -10.53 -13.56
CA LEU A 49 12.93 -9.25 -12.88
C LEU A 49 12.70 -9.37 -11.39
N PHE A 50 11.94 -10.38 -10.96
CA PHE A 50 11.50 -10.45 -9.57
C PHE A 50 12.39 -11.37 -8.75
N VAL A 51 12.62 -12.61 -9.22
CA VAL A 51 13.36 -13.57 -8.40
C VAL A 51 14.74 -13.02 -8.09
N THR A 52 15.39 -12.37 -9.05
CA THR A 52 16.72 -11.82 -8.81
C THR A 52 16.69 -10.59 -7.91
N SER A 53 15.56 -10.28 -7.30
CA SER A 53 15.46 -9.21 -6.31
C SER A 53 14.87 -9.68 -4.99
N SER A 54 14.67 -10.98 -4.83
CA SER A 54 13.92 -11.50 -3.65
C SER A 54 14.78 -11.82 -2.41
N ARG A 55 16.05 -12.23 -2.60
CA ARG A 55 16.91 -12.69 -1.48
C ARG A 55 16.55 -14.15 -1.18
N GLN A 56 15.39 -14.61 -1.65
CA GLN A 56 14.99 -15.99 -1.27
C GLN A 56 15.07 -16.92 -2.48
N LEU A 57 14.20 -16.71 -3.47
CA LEU A 57 14.18 -17.62 -4.64
C LEU A 57 15.55 -17.56 -5.31
N HIS A 58 16.10 -16.35 -5.51
CA HIS A 58 17.47 -16.21 -6.06
C HIS A 58 17.93 -14.78 -5.78
N TYR A 59 19.22 -14.50 -5.89
CA TYR A 59 19.67 -13.09 -5.76
C TYR A 59 20.86 -12.85 -6.68
N ASN A 60 20.90 -11.69 -7.34
CA ASN A 60 22.02 -11.32 -8.23
C ASN A 60 21.78 -9.84 -8.53
N LYS A 61 22.49 -8.97 -7.85
CA LYS A 61 22.22 -7.53 -7.98
C LYS A 61 22.53 -7.03 -9.38
N LEU A 62 23.62 -7.49 -9.99
CA LEU A 62 24.01 -6.98 -11.29
C LEU A 62 22.94 -7.25 -12.34
N VAL A 63 22.45 -8.50 -12.39
CA VAL A 63 21.43 -8.84 -13.37
C VAL A 63 20.16 -8.05 -13.13
N ASN A 64 19.78 -7.89 -11.87
CA ASN A 64 18.59 -7.11 -11.56
C ASN A 64 18.74 -5.67 -12.06
N PHE A 65 19.89 -5.06 -11.80
CA PHE A 65 20.13 -3.69 -12.25
C PHE A 65 20.05 -3.57 -13.77
N LEU A 66 20.74 -4.47 -14.47
CA LEU A 66 20.74 -4.41 -15.94
C LEU A 66 19.33 -4.58 -16.50
N LEU A 67 18.61 -5.61 -16.05
CA LEU A 67 17.28 -5.87 -16.59
C LEU A 67 16.33 -4.71 -16.28
N ASP A 68 16.39 -4.19 -15.04
CA ASP A 68 15.49 -3.12 -14.67
C ASP A 68 15.73 -1.88 -15.52
N ASN A 69 16.98 -1.51 -15.73
CA ASN A 69 17.24 -0.32 -16.53
C ASN A 69 16.89 -0.53 -18.00
N LEU A 70 17.14 -1.72 -18.54
CA LEU A 70 16.75 -1.98 -19.93
C LEU A 70 15.25 -1.87 -20.10
N VAL A 71 14.49 -2.44 -19.16
CA VAL A 71 13.03 -2.37 -19.24
C VAL A 71 12.56 -0.92 -19.15
N ASN A 72 13.14 -0.15 -18.23
CA ASN A 72 12.74 1.26 -18.14
C ASN A 72 13.01 2.00 -19.45
N LEU A 73 14.19 1.80 -20.04
CA LEU A 73 14.50 2.48 -21.29
C LEU A 73 13.51 2.10 -22.38
N MET A 74 13.32 0.80 -22.60
CA MET A 74 12.43 0.38 -23.68
C MET A 74 10.98 0.75 -23.42
N ARG A 75 10.61 1.02 -22.17
CA ARG A 75 9.26 1.49 -21.90
C ARG A 75 9.12 2.99 -22.10
N ALA A 76 10.20 3.75 -21.95
CA ALA A 76 10.11 5.20 -22.06
C ALA A 76 10.36 5.73 -23.47
N PHE A 77 10.76 4.88 -24.41
CA PHE A 77 11.15 5.34 -25.73
C PHE A 77 9.91 5.59 -26.61
N PRO A 78 9.85 6.66 -27.45
CA PRO A 78 8.71 6.83 -28.36
C PRO A 78 8.53 5.60 -29.26
N PHE A 79 7.37 4.95 -29.19
CA PHE A 79 7.11 3.73 -30.00
C PHE A 79 7.18 4.06 -31.50
N VAL A 80 6.65 5.22 -31.90
CA VAL A 80 6.60 5.58 -33.34
C VAL A 80 8.04 5.67 -33.88
N ILE A 81 8.93 6.33 -33.13
CA ILE A 81 10.34 6.51 -33.60
C ILE A 81 10.99 5.13 -33.76
N LEU A 82 10.77 4.23 -32.80
CA LEU A 82 11.41 2.90 -32.84
C LEU A 82 10.94 2.13 -34.08
N MET A 83 9.64 2.19 -34.39
CA MET A 83 9.08 1.43 -35.54
C MET A 83 9.70 1.92 -36.86
N ILE A 84 9.86 3.24 -37.01
CA ILE A 84 10.39 3.82 -38.28
C ILE A 84 11.90 3.58 -38.35
N ALA A 85 12.57 3.38 -37.21
CA ALA A 85 13.99 3.04 -37.26
C ALA A 85 14.19 1.55 -37.43
N MET A 86 13.14 0.77 -37.16
CA MET A 86 13.25 -0.72 -37.19
C MET A 86 12.70 -1.27 -38.51
N ILE A 87 12.40 -0.41 -39.49
CA ILE A 87 11.77 -0.92 -40.74
C ILE A 87 12.68 -1.97 -41.43
N PRO A 88 14.02 -1.83 -41.58
CA PRO A 88 14.84 -2.89 -42.21
C PRO A 88 14.81 -4.20 -41.43
N ALA A 89 14.91 -4.13 -40.10
CA ALA A 89 14.86 -5.35 -39.26
C ALA A 89 13.48 -6.01 -39.39
N THR A 90 12.41 -5.20 -39.37
CA THR A 90 11.04 -5.74 -39.54
C THR A 90 10.93 -6.36 -40.93
N ARG A 91 11.51 -5.71 -41.95
CA ARG A 91 11.41 -6.20 -43.34
C ARG A 91 12.24 -7.48 -43.53
N ALA A 92 13.28 -7.70 -42.72
CA ALA A 92 14.01 -8.98 -42.84
C ALA A 92 13.19 -10.13 -42.26
N ILE A 93 12.63 -9.96 -41.05
CA ILE A 93 11.90 -11.10 -40.41
C ILE A 93 10.57 -11.37 -41.12
N VAL A 94 9.76 -10.33 -41.35
CA VAL A 94 8.43 -10.52 -41.99
C VAL A 94 8.61 -10.79 -43.49
N GLY A 95 9.62 -10.17 -44.12
CA GLY A 95 9.80 -10.31 -45.57
C GLY A 95 9.17 -9.12 -46.28
N SER A 96 8.35 -8.34 -45.56
CA SER A 96 7.73 -7.12 -46.15
C SER A 96 7.53 -5.99 -45.13
N THR A 97 7.79 -4.74 -45.53
CA THR A 97 7.66 -3.58 -44.61
C THR A 97 6.18 -3.20 -44.31
N ILE A 98 5.27 -3.59 -45.20
CA ILE A 98 3.84 -3.19 -45.06
C ILE A 98 2.90 -4.34 -44.70
N GLY A 99 1.87 -4.06 -43.90
CA GLY A 99 0.87 -5.10 -43.58
C GLY A 99 0.58 -5.17 -42.09
N PRO A 100 -0.54 -5.78 -41.67
CA PRO A 100 -0.86 -5.93 -40.25
C PRO A 100 0.19 -6.78 -39.52
N VAL A 101 0.65 -7.86 -40.17
CA VAL A 101 1.66 -8.77 -39.55
C VAL A 101 2.95 -7.98 -39.29
N ALA A 102 3.37 -7.16 -40.25
CA ALA A 102 4.61 -6.36 -40.09
C ALA A 102 4.45 -5.39 -38.91
N ALA A 103 3.30 -4.72 -38.84
CA ALA A 103 3.03 -3.78 -37.72
C ALA A 103 2.95 -4.65 -36.45
N SER A 104 2.52 -5.91 -36.62
CA SER A 104 2.39 -6.85 -35.47
C SER A 104 3.75 -7.21 -34.85
N LEU A 105 4.79 -7.37 -35.65
CA LEU A 105 6.12 -7.62 -35.04
C LEU A 105 6.62 -6.49 -34.13
N VAL A 106 6.54 -5.24 -34.57
CA VAL A 106 7.02 -4.08 -33.77
C VAL A 106 6.14 -3.95 -32.52
N LEU A 107 4.84 -4.17 -32.65
CA LEU A 107 3.89 -4.02 -31.51
C LEU A 107 4.23 -5.05 -30.44
N SER A 108 4.56 -6.29 -30.84
CA SER A 108 4.91 -7.36 -29.86
C SER A 108 6.20 -7.01 -29.11
N VAL A 109 7.20 -6.46 -29.79
CA VAL A 109 8.48 -6.05 -29.13
C VAL A 109 8.20 -4.95 -28.11
N SER A 110 7.30 -4.01 -28.42
CA SER A 110 6.95 -2.92 -27.49
C SER A 110 6.04 -3.44 -26.38
N GLY A 111 5.16 -4.40 -26.67
CA GLY A 111 4.34 -4.94 -25.59
C GLY A 111 5.13 -5.86 -24.68
N LEU A 112 6.10 -6.58 -25.24
CA LEU A 112 6.92 -7.50 -24.45
C LEU A 112 7.53 -6.78 -23.25
N PHE A 113 8.17 -5.64 -23.49
CA PHE A 113 8.72 -4.86 -22.38
C PHE A 113 7.62 -4.13 -21.62
N TYR A 114 6.48 -3.87 -22.26
CA TYR A 114 5.41 -3.17 -21.56
C TYR A 114 4.77 -4.07 -20.51
N PHE A 115 4.55 -5.34 -20.85
CA PHE A 115 3.89 -6.26 -19.92
C PHE A 115 4.86 -6.82 -18.89
N ALA A 116 6.16 -6.74 -19.14
CA ALA A 116 7.13 -7.26 -18.18
C ALA A 116 7.20 -6.37 -16.95
N ARG A 117 6.72 -5.15 -17.05
CA ARG A 117 6.70 -4.26 -15.89
C ARG A 117 5.43 -4.44 -15.07
N LEU A 118 4.31 -4.77 -15.71
CA LEU A 118 3.07 -4.92 -14.98
C LEU A 118 3.08 -6.21 -14.16
N VAL A 119 3.58 -7.30 -14.73
CA VAL A 119 3.62 -8.56 -14.00
C VAL A 119 4.51 -8.44 -12.77
N GLU A 120 5.65 -7.78 -12.91
CA GLU A 120 6.54 -7.58 -11.77
C GLU A 120 5.86 -6.74 -10.69
N GLN A 121 5.14 -5.70 -11.09
CA GLN A 121 4.42 -4.90 -10.11
C GLN A 121 3.36 -5.71 -9.39
N ASN A 122 2.65 -6.59 -10.11
CA ASN A 122 1.66 -7.44 -9.47
C ASN A 122 2.32 -8.41 -8.49
N LEU A 123 3.45 -8.97 -8.86
CA LEU A 123 4.13 -9.90 -7.95
C LEU A 123 4.71 -9.17 -6.75
N ARG A 124 4.98 -7.87 -6.85
CA ARG A 124 5.64 -7.17 -5.72
C ARG A 124 4.62 -6.92 -4.61
N GLU A 125 3.32 -6.98 -4.93
CA GLU A 125 2.27 -6.67 -3.91
C GLU A 125 1.86 -7.93 -3.12
N VAL A 126 2.31 -9.12 -3.52
CA VAL A 126 2.02 -10.36 -2.73
C VAL A 126 2.72 -10.17 -1.37
N PRO A 127 2.07 -10.44 -0.22
CA PRO A 127 2.69 -10.16 1.08
C PRO A 127 3.99 -10.95 1.26
N LYS A 128 5.02 -10.31 1.83
CA LYS A 128 6.36 -10.96 1.98
C LYS A 128 6.22 -12.19 2.87
N GLY A 129 5.35 -12.14 3.87
CA GLY A 129 5.22 -13.26 4.81
C GLY A 129 4.85 -14.55 4.10
N VAL A 130 3.99 -14.50 3.08
CA VAL A 130 3.53 -15.75 2.41
C VAL A 130 4.74 -16.42 1.74
N ILE A 131 5.77 -15.67 1.36
CA ILE A 131 7.02 -16.25 0.79
C ILE A 131 7.88 -16.86 1.91
N GLU A 132 8.01 -16.19 3.05
CA GLU A 132 8.78 -16.72 4.22
C GLU A 132 8.12 -17.98 4.77
N ALA A 133 6.79 -18.00 4.83
CA ALA A 133 6.03 -19.17 5.32
C ALA A 133 6.25 -20.37 4.41
N ALA A 134 6.31 -20.13 3.09
CA ALA A 134 6.55 -21.21 2.12
C ALA A 134 8.00 -21.66 2.15
N ALA A 135 8.92 -20.76 2.51
CA ALA A 135 10.34 -21.19 2.64
C ALA A 135 10.54 -21.93 3.96
N ALA A 136 9.66 -21.71 4.92
CA ALA A 136 9.75 -22.37 6.26
C ALA A 136 9.58 -23.89 6.10
N MET A 137 8.76 -24.34 5.14
CA MET A 137 8.47 -25.79 5.00
C MET A 137 9.28 -26.41 3.85
N GLY A 138 10.45 -25.85 3.53
CA GLY A 138 11.31 -26.45 2.50
C GLY A 138 10.59 -26.59 1.17
N ALA A 139 10.00 -25.51 0.67
CA ALA A 139 9.45 -25.49 -0.68
C ALA A 139 10.53 -25.06 -1.67
N PRO A 140 10.86 -25.88 -2.66
CA PRO A 140 11.93 -25.52 -3.59
C PRO A 140 11.58 -24.24 -4.34
N PRO A 141 12.57 -23.47 -4.78
CA PRO A 141 12.26 -22.20 -5.45
C PRO A 141 11.33 -22.34 -6.64
N ILE A 142 11.48 -23.39 -7.45
CA ILE A 142 10.60 -23.56 -8.59
C ILE A 142 9.19 -23.95 -8.15
N ALA A 143 9.01 -24.32 -6.88
CA ALA A 143 7.69 -24.61 -6.34
C ALA A 143 7.12 -23.44 -5.56
N ILE A 144 7.95 -22.50 -5.14
CA ILE A 144 7.44 -21.26 -4.56
C ILE A 144 6.78 -20.41 -5.63
N VAL A 145 7.51 -20.14 -6.71
CA VAL A 145 7.02 -19.21 -7.72
C VAL A 145 5.77 -19.76 -8.39
N CYS A 146 5.66 -21.09 -8.51
CA CYS A 146 4.58 -21.68 -9.28
C CYS A 146 3.31 -21.85 -8.45
N LYS A 147 3.45 -22.27 -7.19
CA LYS A 147 2.29 -22.57 -6.36
C LYS A 147 1.89 -21.42 -5.44
N VAL A 148 2.75 -20.42 -5.24
CA VAL A 148 2.45 -19.33 -4.32
C VAL A 148 2.25 -18.04 -5.08
N LEU A 149 3.28 -17.58 -5.80
CA LEU A 149 3.21 -16.27 -6.41
C LEU A 149 2.20 -16.22 -7.56
N LEU A 150 2.27 -17.17 -8.49
CA LEU A 150 1.35 -17.17 -9.61
C LEU A 150 -0.05 -17.64 -9.25
N ASN A 151 -0.28 -18.05 -8.00
CA ASN A 151 -1.63 -18.34 -7.52
C ASN A 151 -2.20 -17.20 -6.69
N GLU A 152 -1.33 -16.43 -6.02
CA GLU A 152 -1.79 -15.25 -5.29
C GLU A 152 -2.03 -14.07 -6.20
N ALA A 153 -1.14 -13.81 -7.16
CA ALA A 153 -1.32 -12.72 -8.10
C ALA A 153 -2.30 -13.06 -9.21
N ARG A 154 -3.07 -14.14 -9.06
CA ARG A 154 -3.98 -14.59 -10.11
C ARG A 154 -4.97 -13.51 -10.51
N ALA A 155 -5.54 -12.81 -9.53
CA ALA A 155 -6.53 -11.78 -9.84
C ALA A 155 -5.89 -10.50 -10.36
N GLY A 156 -4.57 -10.38 -10.21
CA GLY A 156 -3.91 -9.16 -10.65
C GLY A 156 -3.39 -9.22 -12.07
N MET A 157 -3.27 -10.43 -12.63
CA MET A 157 -2.80 -10.55 -14.00
C MET A 157 -3.88 -10.17 -15.00
N VAL A 158 -5.14 -10.53 -14.73
CA VAL A 158 -6.19 -10.31 -15.70
C VAL A 158 -6.38 -8.82 -15.95
N SER A 159 -6.41 -8.02 -14.89
CA SER A 159 -6.48 -6.57 -15.09
C SER A 159 -5.26 -6.07 -15.85
N SER A 160 -4.11 -6.69 -15.62
CA SER A 160 -2.90 -6.28 -16.33
C SER A 160 -3.04 -6.50 -17.84
N ILE A 161 -3.56 -7.66 -18.24
CA ILE A 161 -3.74 -7.88 -19.67
C ILE A 161 -4.86 -7.01 -20.22
N THR A 162 -5.78 -6.55 -19.38
CA THR A 162 -6.80 -5.59 -19.90
C THR A 162 -6.10 -4.29 -20.31
N VAL A 163 -5.20 -3.76 -19.46
CA VAL A 163 -4.46 -2.50 -19.77
C VAL A 163 -3.49 -2.66 -20.95
N LEU A 164 -2.82 -3.81 -21.10
CA LEU A 164 -1.94 -4.04 -22.27
C LEU A 164 -2.77 -4.00 -23.55
N ALA A 165 -3.95 -4.63 -23.58
CA ALA A 165 -4.76 -4.69 -24.81
C ALA A 165 -5.23 -3.29 -25.20
N ILE A 166 -5.65 -2.47 -24.24
CA ILE A 166 -6.04 -1.06 -24.52
C ILE A 166 -4.81 -0.29 -25.01
N GLY A 167 -3.63 -0.55 -24.43
CA GLY A 167 -2.40 0.09 -24.92
C GLY A 167 -2.01 -0.27 -26.35
N LEU A 168 -2.07 -1.54 -26.72
CA LEU A 168 -1.60 -1.97 -28.07
C LEU A 168 -2.67 -1.64 -29.13
N LEU A 169 -3.85 -1.17 -28.71
CA LEU A 169 -4.88 -0.69 -29.67
C LEU A 169 -4.50 0.74 -30.07
N SER A 170 -4.10 1.56 -29.10
CA SER A 170 -3.69 2.96 -29.39
C SER A 170 -2.44 2.96 -30.28
N TYR A 171 -1.48 2.08 -29.99
CA TYR A 171 -0.24 1.97 -30.79
C TYR A 171 -0.58 1.55 -32.23
N SER A 172 -1.56 0.65 -32.38
CA SER A 172 -1.93 0.14 -33.73
C SER A 172 -2.42 1.29 -34.63
N ALA A 173 -3.18 2.23 -34.06
CA ALA A 173 -3.71 3.36 -34.86
C ALA A 173 -2.55 4.20 -35.41
N ALA A 174 -1.52 4.44 -34.59
CA ALA A 174 -0.34 5.21 -35.05
C ALA A 174 0.38 4.46 -36.17
N ALA A 175 0.49 3.13 -36.05
CA ALA A 175 1.21 2.31 -37.05
C ALA A 175 0.52 2.41 -38.41
N GLY A 176 -0.82 2.42 -38.44
CA GLY A 176 -1.57 2.44 -39.71
C GLY A 176 -1.14 3.55 -40.66
N MET A 177 -0.57 4.64 -40.14
CA MET A 177 -0.24 5.75 -41.06
C MET A 177 1.17 5.58 -41.65
N ILE A 178 2.17 5.28 -40.81
CA ILE A 178 3.55 5.04 -41.31
C ILE A 178 3.55 3.82 -42.22
N GLY A 179 2.90 2.73 -41.80
CA GLY A 179 2.95 1.49 -42.58
C GLY A 179 1.60 1.12 -43.15
N GLY A 180 0.91 0.17 -42.52
CA GLY A 180 -0.36 -0.24 -43.13
C GLY A 180 -1.39 -0.85 -42.21
N GLY A 181 -2.67 -0.76 -42.59
CA GLY A 181 -3.75 -1.44 -41.85
C GLY A 181 -4.41 -0.63 -40.76
N GLY A 182 -5.63 -0.98 -40.41
CA GLY A 182 -6.27 -0.37 -39.23
C GLY A 182 -7.23 0.76 -39.49
N LEU A 183 -7.83 1.27 -38.42
CA LEU A 183 -8.72 2.45 -38.54
C LEU A 183 -7.79 3.65 -38.64
N GLY A 184 -6.53 3.48 -38.24
CA GLY A 184 -5.58 4.59 -38.45
C GLY A 184 -5.29 4.90 -39.93
N ASP A 185 -5.16 3.87 -40.77
CA ASP A 185 -4.99 3.99 -42.22
C ASP A 185 -6.27 4.44 -42.95
N LEU A 186 -7.43 4.31 -42.30
CA LEU A 186 -8.72 4.84 -42.75
C LEU A 186 -8.90 6.30 -42.32
N ALA A 187 -8.54 6.65 -41.10
CA ALA A 187 -8.77 7.98 -40.55
C ALA A 187 -7.98 9.07 -41.29
N ILE A 188 -6.74 8.77 -41.70
CA ILE A 188 -5.93 9.78 -42.46
C ILE A 188 -6.59 10.06 -43.80
N ARG A 189 -7.20 9.05 -44.42
CA ARG A 189 -7.84 9.22 -45.75
C ARG A 189 -9.04 10.16 -45.70
N TYR A 190 -9.84 10.08 -44.64
CA TYR A 190 -11.08 10.92 -44.52
C TYR A 190 -10.90 12.06 -43.50
N GLY A 191 -9.69 12.26 -42.96
CA GLY A 191 -9.44 13.33 -41.99
C GLY A 191 -8.30 14.23 -42.44
N TYR A 192 -7.09 13.70 -42.56
CA TYR A 192 -5.91 14.55 -42.92
C TYR A 192 -6.09 15.11 -44.33
N TYR A 193 -6.57 14.30 -45.28
CA TYR A 193 -6.92 14.84 -46.63
C TYR A 193 -8.43 14.73 -46.68
N ARG A 194 -9.13 15.55 -47.49
CA ARG A 194 -10.60 15.39 -47.62
C ARG A 194 -11.21 15.28 -46.22
N TYR A 195 -11.05 16.29 -45.37
CA TYR A 195 -11.70 16.15 -44.04
C TYR A 195 -13.20 15.89 -44.23
N GLN A 196 -13.68 14.76 -43.72
CA GLN A 196 -15.11 14.46 -43.96
C GLN A 196 -15.84 13.97 -42.71
N THR A 197 -16.84 14.72 -42.23
CA THR A 197 -17.71 14.30 -41.12
C THR A 197 -18.62 13.15 -41.56
N GLU A 198 -19.57 12.66 -40.76
CA GLU A 198 -20.27 11.38 -40.95
C GLU A 198 -19.37 10.17 -40.70
N VAL A 199 -18.31 9.98 -41.50
CA VAL A 199 -17.36 8.85 -41.34
C VAL A 199 -16.50 9.02 -40.10
N ILE A 200 -16.02 10.24 -39.83
CA ILE A 200 -15.21 10.48 -38.62
C ILE A 200 -16.03 10.28 -37.35
N ILE A 201 -17.30 10.68 -37.33
CA ILE A 201 -18.20 10.41 -36.19
C ILE A 201 -18.39 8.90 -36.00
N PHE A 202 -18.55 8.12 -37.07
CA PHE A 202 -18.64 6.66 -36.96
C PHE A 202 -17.36 6.03 -36.39
N ILE A 203 -16.17 6.44 -36.85
CA ILE A 203 -14.89 5.92 -36.34
C ILE A 203 -14.74 6.22 -34.85
N VAL A 204 -15.07 7.45 -34.43
CA VAL A 204 -15.08 7.85 -33.01
C VAL A 204 -16.07 7.02 -32.18
N ALA A 205 -17.29 6.79 -32.67
CA ALA A 205 -18.30 6.02 -31.97
C ALA A 205 -17.88 4.55 -31.81
N LEU A 206 -17.40 3.89 -32.86
CA LEU A 206 -16.99 2.50 -32.80
C LEU A 206 -15.88 2.24 -31.77
N LEU A 207 -14.88 3.12 -31.73
CA LEU A 207 -13.76 2.97 -30.78
C LEU A 207 -14.30 3.03 -29.35
N VAL A 208 -15.14 4.01 -29.01
CA VAL A 208 -15.62 4.11 -27.60
C VAL A 208 -16.29 2.79 -27.21
N LEU A 209 -17.16 2.26 -28.07
CA LEU A 209 -17.93 1.03 -27.75
C LEU A 209 -16.98 -0.15 -27.58
N LEU A 210 -15.95 -0.24 -28.43
CA LEU A 210 -15.03 -1.40 -28.34
C LEU A 210 -14.15 -1.28 -27.09
N VAL A 211 -13.74 -0.06 -26.74
CA VAL A 211 -12.92 0.15 -25.51
C VAL A 211 -13.76 -0.25 -24.29
N ILE A 212 -15.03 0.15 -24.27
CA ILE A 212 -15.92 -0.18 -23.11
C ILE A 212 -16.06 -1.71 -23.03
N LEU A 213 -16.24 -2.38 -24.18
CA LEU A 213 -16.48 -3.85 -24.15
C LEU A 213 -15.27 -4.57 -23.56
N ILE A 214 -14.06 -4.22 -24.00
CA ILE A 214 -12.85 -4.94 -23.51
C ILE A 214 -12.66 -4.66 -22.02
N GLN A 215 -12.89 -3.41 -21.59
CA GLN A 215 -12.73 -3.04 -20.15
C GLN A 215 -13.76 -3.83 -19.32
N SER A 216 -15.00 -3.91 -19.79
CA SER A 216 -16.07 -4.62 -19.05
C SER A 216 -15.70 -6.10 -18.92
N THR A 217 -15.21 -6.71 -20.00
CA THR A 217 -14.83 -8.15 -19.97
C THR A 217 -13.68 -8.34 -18.97
N GLY A 218 -12.69 -7.44 -18.96
CA GLY A 218 -11.53 -7.60 -18.08
C GLY A 218 -11.92 -7.52 -16.61
N ASN A 219 -12.75 -6.55 -16.24
CA ASN A 219 -13.13 -6.36 -14.84
C ASN A 219 -13.99 -7.51 -14.35
N ALA A 220 -14.96 -7.96 -15.15
CA ALA A 220 -15.80 -9.07 -14.71
C ALA A 220 -14.97 -10.32 -14.43
N LEU A 221 -14.10 -10.70 -15.35
CA LEU A 221 -13.28 -11.89 -15.13
C LEU A 221 -12.35 -11.73 -13.93
N ALA A 222 -11.73 -10.55 -13.78
CA ALA A 222 -10.84 -10.34 -12.65
C ALA A 222 -11.60 -10.47 -11.33
N ARG A 223 -12.80 -9.90 -11.27
CA ARG A 223 -13.61 -9.99 -10.06
C ARG A 223 -14.02 -11.42 -9.74
N LYS A 224 -14.33 -12.22 -10.76
CA LYS A 224 -14.72 -13.60 -10.48
C LYS A 224 -13.59 -14.36 -9.80
N LEU A 225 -12.39 -14.32 -10.36
CA LEU A 225 -11.27 -15.10 -9.83
C LEU A 225 -10.83 -14.64 -8.45
N ASP A 226 -10.83 -13.35 -8.20
CA ASP A 226 -10.37 -12.80 -6.92
C ASP A 226 -11.00 -13.51 -5.74
N THR B 5 31.45 5.05 -43.91
CA THR B 5 32.70 5.49 -43.31
C THR B 5 32.43 6.51 -42.21
N PHE B 6 33.33 6.58 -41.22
CA PHE B 6 33.09 7.42 -40.06
C PHE B 6 33.12 8.90 -40.43
N GLN B 7 34.14 9.33 -41.16
CA GLN B 7 34.24 10.74 -41.53
C GLN B 7 33.15 11.12 -42.52
N GLN B 8 32.78 10.21 -43.42
CA GLN B 8 31.67 10.48 -44.33
C GLN B 8 30.37 10.65 -43.56
N ALA B 9 30.15 9.82 -42.53
CA ALA B 9 28.96 9.95 -41.72
C ALA B 9 28.93 11.27 -40.96
N VAL B 10 30.01 11.56 -40.24
CA VAL B 10 30.04 12.79 -39.43
C VAL B 10 29.98 14.01 -40.32
N SER B 11 30.64 13.97 -41.48
CA SER B 11 30.57 15.09 -42.40
C SER B 11 29.16 15.31 -42.91
N THR B 12 28.39 14.22 -43.08
CA THR B 12 27.00 14.37 -43.51
C THR B 12 26.18 15.13 -42.48
N ILE B 13 26.34 14.78 -41.20
CA ILE B 13 25.49 15.36 -40.16
C ILE B 13 25.68 16.87 -40.11
N VAL B 14 26.93 17.33 -40.19
CA VAL B 14 27.18 18.76 -40.13
C VAL B 14 26.58 19.46 -41.35
N GLY B 15 26.25 18.70 -42.38
CA GLY B 15 25.53 19.27 -43.51
C GLY B 15 24.09 19.62 -43.19
N MET B 16 23.50 18.96 -42.19
CA MET B 16 22.13 19.22 -41.76
C MET B 16 22.08 20.16 -40.56
N LYS B 17 23.17 20.87 -40.28
CA LYS B 17 23.29 21.61 -39.03
C LYS B 17 22.07 22.48 -38.77
N ASP B 18 21.58 23.16 -39.80
CA ASP B 18 20.51 24.13 -39.58
C ASP B 18 19.17 23.43 -39.37
N GLU B 19 18.93 22.32 -40.06
CA GLU B 19 17.65 21.63 -39.94
C GLU B 19 17.51 20.94 -38.60
N ILE B 20 18.59 20.34 -38.08
CA ILE B 20 18.53 19.66 -36.79
C ILE B 20 18.21 20.64 -35.68
N PHE B 21 18.86 21.81 -35.70
CA PHE B 21 18.57 22.81 -34.70
C PHE B 21 17.11 23.24 -34.74
N ARG B 22 16.57 23.38 -35.95
CA ARG B 22 15.12 23.71 -36.06
C ARG B 22 14.30 22.58 -35.46
N ALA B 23 14.67 21.34 -35.73
CA ALA B 23 13.86 20.21 -35.22
C ALA B 23 13.85 20.24 -33.69
N LEU B 24 15.00 20.46 -33.06
CA LEU B 24 15.03 20.49 -31.58
C LEU B 24 14.27 21.70 -31.05
N GLY B 25 14.53 22.88 -31.61
CA GLY B 25 13.88 24.11 -31.09
C GLY B 25 12.39 24.05 -31.31
N GLU B 26 11.95 23.22 -32.23
CA GLU B 26 10.50 23.08 -32.53
C GLU B 26 9.89 21.98 -31.68
N THR B 27 10.67 20.98 -31.30
CA THR B 27 10.15 19.95 -30.36
C THR B 27 9.95 20.58 -28.99
N PHE B 28 10.87 21.41 -28.55
CA PHE B 28 10.77 21.98 -27.17
C PHE B 28 9.52 22.85 -27.05
N VAL B 29 9.17 23.54 -28.13
CA VAL B 29 7.99 24.47 -28.08
C VAL B 29 6.70 23.66 -27.89
N MET B 30 6.69 22.40 -28.27
CA MET B 30 5.47 21.57 -28.14
C MET B 30 5.36 20.99 -26.73
N VAL B 31 6.47 20.53 -26.18
CA VAL B 31 6.44 19.92 -24.85
C VAL B 31 6.46 20.99 -23.77
N GLY B 32 7.37 21.96 -23.90
CA GLY B 32 7.54 22.94 -22.83
C GLY B 32 6.33 23.84 -22.64
N LEU B 33 5.47 23.93 -23.66
CA LEU B 33 4.36 24.89 -23.60
C LEU B 33 3.08 24.20 -23.16
N SER B 34 2.90 22.93 -23.54
CA SER B 34 1.70 22.21 -23.13
C SER B 34 1.77 21.74 -21.68
N THR B 35 2.98 21.48 -21.18
CA THR B 35 3.12 20.97 -19.82
C THR B 35 2.62 21.99 -18.80
N THR B 36 2.84 23.28 -19.05
CA THR B 36 2.39 24.29 -18.10
C THR B 36 0.87 24.29 -17.98
N PHE B 37 0.16 24.31 -19.10
CA PHE B 37 -1.30 24.26 -19.05
C PHE B 37 -1.78 22.95 -18.46
N ALA B 38 -1.12 21.84 -18.78
CA ALA B 38 -1.51 20.57 -18.19
C ALA B 38 -1.42 20.63 -16.68
N VAL B 39 -0.30 21.11 -16.14
CA VAL B 39 -0.14 21.11 -14.68
C VAL B 39 -1.06 22.14 -14.04
N ILE B 40 -1.37 23.24 -14.72
CA ILE B 40 -2.23 24.27 -14.13
C ILE B 40 -3.67 23.76 -14.02
N PHE B 41 -4.15 23.04 -15.03
CA PHE B 41 -5.56 22.66 -15.02
C PHE B 41 -5.80 21.26 -14.45
N GLY B 42 -4.91 20.32 -14.69
CA GLY B 42 -5.07 18.99 -14.13
C GLY B 42 -5.02 18.99 -12.62
N THR B 43 -4.28 19.92 -12.02
CA THR B 43 -4.28 20.02 -10.57
C THR B 43 -5.66 20.34 -10.04
N LEU B 44 -6.32 21.33 -10.61
CA LEU B 44 -7.67 21.67 -10.17
C LEU B 44 -8.62 20.51 -10.42
N LEU B 45 -8.51 19.86 -11.58
CA LEU B 45 -9.41 18.73 -11.92
C LEU B 45 -9.22 17.59 -10.91
N GLY B 46 -7.96 17.29 -10.55
CA GLY B 46 -7.69 16.20 -9.62
C GLY B 46 -8.14 16.52 -8.20
N VAL B 47 -7.95 17.77 -7.77
CA VAL B 47 -8.47 18.16 -6.47
C VAL B 47 -9.98 18.01 -6.43
N LEU B 48 -10.66 18.44 -7.50
CA LEU B 48 -12.11 18.31 -7.54
C LEU B 48 -12.52 16.84 -7.51
N LEU B 49 -11.78 15.97 -8.19
CA LEU B 49 -12.07 14.54 -8.10
C LEU B 49 -11.93 14.04 -6.67
N PHE B 50 -10.87 14.49 -5.99
CA PHE B 50 -10.56 13.96 -4.63
C PHE B 50 -11.55 14.44 -3.57
N VAL B 51 -11.94 15.72 -3.59
CA VAL B 51 -12.80 16.24 -2.53
C VAL B 51 -14.16 15.56 -2.58
N THR B 52 -14.73 15.39 -3.78
CA THR B 52 -16.02 14.74 -3.88
C THR B 52 -15.95 13.26 -3.52
N SER B 53 -14.75 12.69 -3.36
CA SER B 53 -14.62 11.32 -2.91
C SER B 53 -14.65 11.18 -1.40
N SER B 54 -14.42 12.27 -0.67
CA SER B 54 -14.33 12.18 0.81
C SER B 54 -15.38 13.07 1.47
N ARG B 55 -15.25 13.27 2.79
CA ARG B 55 -16.19 14.16 3.53
C ARG B 55 -15.54 15.53 3.67
N GLN B 56 -14.87 16.01 2.60
CA GLN B 56 -14.18 17.32 2.61
C GLN B 56 -14.82 18.24 1.56
N LEU B 57 -15.48 19.32 1.99
CA LEU B 57 -16.13 20.30 1.07
C LEU B 57 -17.43 19.69 0.55
N HIS B 58 -17.38 18.42 0.13
CA HIS B 58 -18.64 17.75 -0.26
C HIS B 58 -18.42 16.26 -0.43
N TYR B 59 -19.49 15.48 -0.40
CA TYR B 59 -19.37 14.03 -0.70
C TYR B 59 -20.33 13.74 -1.86
N ASN B 60 -20.38 14.64 -2.85
CA ASN B 60 -21.20 14.36 -4.02
C ASN B 60 -20.85 12.98 -4.57
N LYS B 61 -21.87 12.22 -4.94
CA LYS B 61 -21.63 10.92 -5.56
C LYS B 61 -21.83 10.99 -7.07
N LEU B 62 -22.86 11.74 -7.51
CA LEU B 62 -23.11 11.86 -8.93
C LEU B 62 -21.97 12.57 -9.64
N VAL B 63 -21.51 13.70 -9.09
CA VAL B 63 -20.43 14.44 -9.70
C VAL B 63 -19.17 13.59 -9.76
N ASN B 64 -18.89 12.84 -8.69
CA ASN B 64 -17.70 12.00 -8.71
C ASN B 64 -17.82 10.90 -9.75
N PHE B 65 -18.99 10.28 -9.86
CA PHE B 65 -19.18 9.25 -10.88
C PHE B 65 -18.93 9.80 -12.28
N LEU B 66 -19.57 10.92 -12.61
CA LEU B 66 -19.40 11.53 -13.93
C LEU B 66 -17.93 11.87 -14.19
N LEU B 67 -17.29 12.56 -13.25
CA LEU B 67 -15.92 12.98 -13.47
C LEU B 67 -14.98 11.79 -13.62
N ASP B 68 -15.13 10.79 -12.77
CA ASP B 68 -14.23 9.64 -12.84
C ASP B 68 -14.38 8.92 -14.17
N ASN B 69 -15.63 8.75 -14.63
CA ASN B 69 -15.86 8.13 -15.96
C ASN B 69 -15.22 8.98 -17.06
N LEU B 70 -15.44 10.30 -17.00
CA LEU B 70 -14.95 11.24 -18.04
C LEU B 70 -13.43 11.13 -18.24
N VAL B 71 -12.68 10.99 -17.14
CA VAL B 71 -11.19 11.02 -17.26
C VAL B 71 -10.73 9.65 -17.76
N ASN B 72 -11.35 8.57 -17.30
CA ASN B 72 -10.98 7.22 -17.81
C ASN B 72 -11.23 7.15 -19.32
N LEU B 73 -12.38 7.69 -19.77
CA LEU B 73 -12.73 7.61 -21.22
C LEU B 73 -11.72 8.41 -22.04
N MET B 74 -11.34 9.60 -21.56
CA MET B 74 -10.47 10.53 -22.34
C MET B 74 -8.99 10.17 -22.20
N ARG B 75 -8.70 9.02 -21.59
CA ARG B 75 -7.29 8.56 -21.54
C ARG B 75 -7.29 7.25 -22.34
N ALA B 76 -8.40 6.52 -22.25
CA ALA B 76 -8.56 5.31 -23.08
C ALA B 76 -8.61 5.67 -24.57
N PHE B 77 -9.29 6.76 -24.92
CA PHE B 77 -9.47 7.13 -26.35
C PHE B 77 -8.10 7.23 -27.07
N PRO B 78 -7.89 6.69 -28.30
CA PRO B 78 -6.61 6.87 -29.00
C PRO B 78 -6.21 8.33 -29.18
N PHE B 79 -4.90 8.62 -29.22
CA PHE B 79 -4.42 10.03 -29.34
C PHE B 79 -4.45 10.48 -30.81
N VAL B 80 -3.99 9.63 -31.74
CA VAL B 80 -3.87 10.04 -33.17
C VAL B 80 -5.27 10.33 -33.73
N ILE B 81 -6.28 9.52 -33.39
CA ILE B 81 -7.66 9.74 -33.89
C ILE B 81 -8.18 11.08 -33.35
N LEU B 82 -7.92 11.36 -32.08
CA LEU B 82 -8.43 12.60 -31.44
C LEU B 82 -7.93 13.82 -32.21
N MET B 83 -6.64 13.84 -32.60
CA MET B 83 -6.08 15.05 -33.25
C MET B 83 -6.72 15.22 -34.63
N ILE B 84 -6.79 14.13 -35.43
CA ILE B 84 -7.43 14.20 -36.78
C ILE B 84 -8.86 14.74 -36.65
N ALA B 85 -9.61 14.31 -35.63
CA ALA B 85 -11.02 14.72 -35.48
C ALA B 85 -11.09 16.17 -34.97
N MET B 86 -10.09 16.60 -34.22
CA MET B 86 -10.05 18.00 -33.72
C MET B 86 -9.52 19.05 -34.70
N ILE B 87 -9.23 18.62 -35.94
CA ILE B 87 -8.63 19.55 -36.95
C ILE B 87 -9.41 20.88 -37.01
N PRO B 88 -10.74 20.93 -37.31
CA PRO B 88 -11.42 22.22 -37.46
C PRO B 88 -11.41 23.05 -36.17
N ALA B 89 -11.67 22.42 -35.02
CA ALA B 89 -11.71 23.16 -33.74
C ALA B 89 -10.34 23.75 -33.43
N THR B 90 -9.28 22.95 -33.56
CA THR B 90 -7.90 23.44 -33.32
C THR B 90 -7.60 24.58 -34.30
N ARG B 91 -7.97 24.40 -35.58
CA ARG B 91 -7.64 25.41 -36.62
C ARG B 91 -8.30 26.74 -36.23
N ALA B 92 -9.56 26.70 -35.77
CA ALA B 92 -10.26 27.95 -35.44
C ALA B 92 -9.57 28.67 -34.27
N ILE B 93 -9.20 27.94 -33.22
CA ILE B 93 -8.61 28.60 -32.00
C ILE B 93 -7.25 29.25 -32.32
N VAL B 94 -6.37 28.53 -33.03
CA VAL B 94 -4.99 29.06 -33.27
C VAL B 94 -4.95 29.83 -34.60
N GLY B 95 -6.00 29.73 -35.41
CA GLY B 95 -5.99 30.38 -36.74
C GLY B 95 -5.24 29.52 -37.74
N SER B 96 -4.71 28.38 -37.28
CA SER B 96 -3.94 27.45 -38.15
C SER B 96 -4.00 26.00 -37.65
N THR B 97 -3.83 25.03 -38.54
CA THR B 97 -3.73 23.60 -38.15
C THR B 97 -2.27 23.08 -38.18
N ILE B 98 -1.51 23.54 -39.17
CA ILE B 98 -0.11 23.17 -39.32
C ILE B 98 0.93 24.04 -38.61
N GLY B 99 1.52 23.49 -37.55
CA GLY B 99 2.53 24.24 -36.79
C GLY B 99 2.68 23.70 -35.37
N PRO B 100 3.81 23.95 -34.68
CA PRO B 100 4.03 23.41 -33.33
C PRO B 100 3.02 23.94 -32.29
N VAL B 101 2.71 25.23 -32.34
CA VAL B 101 1.78 25.85 -31.34
C VAL B 101 0.38 25.22 -31.48
N ALA B 102 -0.08 25.03 -32.72
CA ALA B 102 -1.42 24.43 -32.94
C ALA B 102 -1.44 22.99 -32.40
N ALA B 103 -0.38 22.23 -32.66
CA ALA B 103 -0.28 20.84 -32.16
C ALA B 103 -0.19 20.83 -30.63
N SER B 104 0.53 21.79 -30.04
CA SER B 104 0.70 21.84 -28.56
C SER B 104 -0.65 22.00 -27.87
N LEU B 105 -1.56 22.80 -28.45
CA LEU B 105 -2.93 22.93 -27.88
C LEU B 105 -3.53 21.53 -27.69
N VAL B 106 -3.44 20.67 -28.72
CA VAL B 106 -3.98 19.28 -28.63
C VAL B 106 -3.24 18.53 -27.52
N LEU B 107 -1.92 18.70 -27.43
CA LEU B 107 -1.11 17.99 -26.41
C LEU B 107 -1.56 18.42 -25.01
N SER B 108 -1.83 19.72 -24.82
CA SER B 108 -2.27 20.23 -23.49
C SER B 108 -3.61 19.61 -23.10
N VAL B 109 -4.53 19.48 -24.06
CA VAL B 109 -5.88 18.89 -23.78
C VAL B 109 -5.69 17.50 -23.16
N SER B 110 -4.90 16.64 -23.81
CA SER B 110 -4.65 15.27 -23.30
C SER B 110 -3.94 15.35 -21.95
N GLY B 111 -3.04 16.31 -21.78
CA GLY B 111 -2.26 16.43 -20.54
C GLY B 111 -3.12 16.66 -19.32
N LEU B 112 -4.19 17.47 -19.42
CA LEU B 112 -4.98 17.80 -18.21
C LEU B 112 -5.57 16.51 -17.63
N PHE B 113 -6.13 15.65 -18.48
CA PHE B 113 -6.77 14.40 -18.00
C PHE B 113 -5.72 13.47 -17.38
N TYR B 114 -4.57 13.32 -18.04
CA TYR B 114 -3.50 12.42 -17.53
C TYR B 114 -2.96 12.96 -16.20
N PHE B 115 -2.73 14.27 -16.12
CA PHE B 115 -2.19 14.88 -14.87
C PHE B 115 -3.21 14.73 -13.74
N ALA B 116 -4.50 14.92 -14.05
CA ALA B 116 -5.55 14.80 -13.01
C ALA B 116 -5.57 13.37 -12.46
N ARG B 117 -5.43 12.38 -13.34
CA ARG B 117 -5.41 10.96 -12.90
C ARG B 117 -4.20 10.76 -11.97
N LEU B 118 -3.04 11.34 -12.33
CA LEU B 118 -1.85 11.17 -11.53
C LEU B 118 -1.98 11.88 -10.18
N VAL B 119 -2.52 13.11 -10.18
CA VAL B 119 -2.65 13.87 -8.94
C VAL B 119 -3.66 13.20 -8.02
N GLU B 120 -4.76 12.69 -8.57
CA GLU B 120 -5.74 12.03 -7.72
C GLU B 120 -5.15 10.81 -7.06
N GLN B 121 -4.39 10.00 -7.81
CA GLN B 121 -3.74 8.85 -7.20
C GLN B 121 -2.69 9.27 -6.17
N ASN B 122 -2.05 10.41 -6.36
CA ASN B 122 -1.12 10.91 -5.36
C ASN B 122 -1.84 11.27 -4.06
N LEU B 123 -2.92 12.06 -4.18
CA LEU B 123 -3.63 12.53 -2.95
C LEU B 123 -4.28 11.34 -2.24
N ARG B 124 -4.70 10.31 -2.99
CA ARG B 124 -5.38 9.19 -2.35
C ARG B 124 -4.44 8.30 -1.55
N GLU B 125 -3.16 8.66 -1.44
CA GLU B 125 -2.20 7.84 -0.71
C GLU B 125 -1.83 8.40 0.66
N VAL B 126 -2.19 9.66 0.93
CA VAL B 126 -1.95 10.21 2.30
C VAL B 126 -2.85 9.45 3.31
N PRO B 127 -2.37 9.01 4.51
CA PRO B 127 -3.24 8.37 5.50
C PRO B 127 -4.43 9.24 5.90
N LYS B 128 -5.62 8.64 6.01
CA LYS B 128 -6.86 9.37 6.38
C LYS B 128 -6.74 9.92 7.82
N GLY B 129 -6.00 9.23 8.69
CA GLY B 129 -5.92 9.63 10.11
C GLY B 129 -5.35 11.03 10.32
N VAL B 130 -4.33 11.41 9.54
CA VAL B 130 -3.77 12.79 9.64
C VAL B 130 -4.87 13.79 9.26
N ILE B 131 -5.65 13.50 8.23
CA ILE B 131 -6.76 14.40 7.82
C ILE B 131 -7.84 14.39 8.93
N GLU B 132 -8.04 13.24 9.58
CA GLU B 132 -9.06 13.13 10.66
C GLU B 132 -8.71 14.07 11.82
N ALA B 133 -7.42 14.19 12.15
CA ALA B 133 -7.00 15.10 13.24
C ALA B 133 -7.22 16.54 12.77
N ALA B 134 -6.95 16.82 11.50
CA ALA B 134 -7.13 18.18 10.96
C ALA B 134 -8.61 18.58 11.01
N ALA B 135 -9.52 17.60 11.07
CA ALA B 135 -10.95 17.95 11.24
C ALA B 135 -11.27 18.17 12.73
N ALA B 136 -10.61 17.45 13.62
CA ALA B 136 -10.82 17.58 15.08
C ALA B 136 -10.32 18.92 15.60
N MET B 137 -9.43 19.59 14.87
CA MET B 137 -8.83 20.88 15.32
C MET B 137 -9.58 22.06 14.70
N GLY B 138 -10.77 21.81 14.14
CA GLY B 138 -11.59 22.87 13.54
C GLY B 138 -10.96 23.61 12.37
N ALA B 139 -10.49 22.88 11.34
CA ALA B 139 -9.94 23.54 10.13
C ALA B 139 -10.92 23.39 8.97
N PRO B 140 -11.34 24.49 8.30
CA PRO B 140 -12.34 24.41 7.22
C PRO B 140 -11.86 23.67 5.97
N PRO B 141 -12.72 22.96 5.21
CA PRO B 141 -12.29 22.14 4.06
C PRO B 141 -11.25 22.73 3.10
N ILE B 142 -11.24 24.04 2.89
CA ILE B 142 -10.24 24.76 2.05
C ILE B 142 -8.89 24.74 2.78
N ALA B 143 -8.89 24.93 4.10
CA ALA B 143 -7.63 24.85 4.89
C ALA B 143 -7.06 23.43 4.79
N ILE B 144 -7.95 22.42 4.73
CA ILE B 144 -7.54 20.98 4.61
C ILE B 144 -6.80 20.75 3.29
N VAL B 145 -7.26 21.35 2.18
CA VAL B 145 -6.67 21.06 0.84
C VAL B 145 -5.46 21.97 0.59
N CYS B 146 -5.25 22.91 1.52
CA CYS B 146 -4.06 23.79 1.42
C CYS B 146 -2.97 23.36 2.41
N LYS B 147 -3.22 23.31 3.71
CA LYS B 147 -2.02 23.03 4.55
C LYS B 147 -1.89 21.53 4.81
N VAL B 148 -2.94 20.85 5.27
CA VAL B 148 -2.76 19.41 5.62
C VAL B 148 -2.45 18.57 4.37
N LEU B 149 -3.23 18.73 3.28
CA LEU B 149 -3.06 17.86 2.08
C LEU B 149 -1.79 18.15 1.28
N LEU B 150 -1.49 19.43 1.00
CA LEU B 150 -0.35 19.76 0.09
C LEU B 150 1.01 19.38 0.68
N ASN B 151 1.22 19.62 1.97
CA ASN B 151 2.56 19.38 2.57
C ASN B 151 2.93 17.89 2.45
N GLU B 152 1.98 17.00 2.75
CA GLU B 152 2.25 15.54 2.73
C GLU B 152 2.51 15.00 1.32
N ALA B 153 1.79 15.48 0.30
CA ALA B 153 1.91 14.87 -1.05
C ALA B 153 2.83 15.64 -2.01
N ARG B 154 3.47 16.73 -1.57
CA ARG B 154 4.28 17.51 -2.51
C ARG B 154 5.50 16.74 -2.99
N ALA B 155 5.98 15.78 -2.19
CA ALA B 155 7.13 14.99 -2.62
C ALA B 155 6.77 14.08 -3.79
N GLY B 156 5.50 13.73 -3.93
CA GLY B 156 5.08 12.85 -5.01
C GLY B 156 4.58 13.57 -6.25
N MET B 157 4.30 14.87 -6.16
CA MET B 157 3.86 15.61 -7.34
C MET B 157 4.99 15.76 -8.34
N VAL B 158 6.22 15.94 -7.86
CA VAL B 158 7.34 16.11 -8.78
C VAL B 158 7.55 14.86 -9.60
N SER B 159 7.37 13.68 -9.01
CA SER B 159 7.44 12.45 -9.79
C SER B 159 6.36 12.41 -10.86
N SER B 160 5.16 12.88 -10.51
CA SER B 160 4.08 12.93 -11.50
C SER B 160 4.44 13.86 -12.65
N ILE B 161 5.03 15.01 -12.37
CA ILE B 161 5.45 15.90 -13.44
C ILE B 161 6.54 15.26 -14.28
N THR B 162 7.47 14.54 -13.65
CA THR B 162 8.53 13.88 -14.40
C THR B 162 7.96 12.85 -15.36
N VAL B 163 6.99 12.05 -14.91
CA VAL B 163 6.41 11.07 -15.82
C VAL B 163 5.56 11.74 -16.89
N LEU B 164 4.86 12.83 -16.54
CA LEU B 164 4.05 13.53 -17.53
C LEU B 164 4.90 14.11 -18.65
N ALA B 165 6.06 14.67 -18.32
CA ALA B 165 6.88 15.28 -19.34
C ALA B 165 7.31 14.25 -20.39
N ILE B 166 7.72 13.06 -19.94
CA ILE B 166 8.07 12.00 -20.87
C ILE B 166 6.84 11.52 -21.65
N GLY B 167 5.70 11.42 -20.97
CA GLY B 167 4.49 11.01 -21.68
C GLY B 167 4.18 11.93 -22.84
N LEU B 168 4.36 13.23 -22.68
CA LEU B 168 4.00 14.19 -23.76
C LEU B 168 5.07 14.18 -24.86
N LEU B 169 6.29 13.76 -24.56
CA LEU B 169 7.36 13.66 -25.60
C LEU B 169 6.99 12.60 -26.64
N SER B 170 6.47 11.45 -26.20
CA SER B 170 6.09 10.34 -27.12
C SER B 170 4.97 10.80 -28.05
N TYR B 171 4.00 11.55 -27.53
CA TYR B 171 2.86 12.08 -28.33
C TYR B 171 3.38 13.08 -29.37
N SER B 172 4.40 13.86 -29.05
CA SER B 172 4.93 14.88 -29.99
C SER B 172 5.38 14.23 -31.30
N ALA B 173 5.97 13.03 -31.23
CA ALA B 173 6.43 12.31 -32.44
C ALA B 173 5.23 11.96 -33.33
N ALA B 174 4.12 11.51 -32.74
CA ALA B 174 2.91 11.18 -33.53
C ALA B 174 2.37 12.43 -34.22
N ALA B 175 2.39 13.58 -33.55
CA ALA B 175 1.92 14.85 -34.13
C ALA B 175 2.95 15.36 -35.13
N GLY B 176 4.16 14.81 -35.10
CA GLY B 176 5.21 15.23 -36.04
C GLY B 176 4.82 14.95 -37.47
N MET B 177 4.15 13.82 -37.70
CA MET B 177 3.78 13.43 -39.08
C MET B 177 2.85 14.48 -39.68
N ILE B 178 1.93 15.03 -38.88
CA ILE B 178 0.91 15.99 -39.39
C ILE B 178 1.29 17.44 -39.05
N GLY B 179 1.81 17.70 -37.85
CA GLY B 179 2.09 19.08 -37.41
C GLY B 179 3.52 19.49 -37.72
N GLY B 180 4.28 18.63 -38.39
CA GLY B 180 5.71 18.91 -38.61
C GLY B 180 6.33 19.28 -37.29
N GLY B 181 6.22 18.38 -36.30
CA GLY B 181 6.69 18.70 -34.93
C GLY B 181 8.15 18.38 -34.70
N GLY B 182 9.06 19.16 -35.28
CA GLY B 182 10.49 18.96 -34.97
C GLY B 182 11.01 17.57 -35.27
N LEU B 183 11.47 16.85 -34.24
CA LEU B 183 12.09 15.51 -34.43
C LEU B 183 11.10 14.52 -35.07
N GLY B 184 9.82 14.60 -34.74
CA GLY B 184 8.83 13.71 -35.39
C GLY B 184 8.78 13.92 -36.89
N ASP B 185 8.78 15.17 -37.36
CA ASP B 185 8.83 15.45 -38.82
C ASP B 185 10.18 14.97 -39.37
N LEU B 186 11.26 15.18 -38.60
CA LEU B 186 12.61 14.78 -39.06
C LEU B 186 12.64 13.25 -39.21
N ALA B 187 11.98 12.52 -38.31
CA ALA B 187 11.91 11.05 -38.41
C ALA B 187 11.15 10.61 -39.68
N ILE B 188 10.08 11.32 -40.03
CA ILE B 188 9.25 10.94 -41.21
C ILE B 188 10.13 11.02 -42.46
N ARG B 189 10.86 12.11 -42.69
CA ARG B 189 11.79 12.17 -43.85
C ARG B 189 13.07 11.45 -43.41
N TYR B 190 13.98 11.12 -44.33
CA TYR B 190 15.27 10.53 -43.89
C TYR B 190 15.04 9.31 -43.01
N GLY B 191 14.04 8.48 -43.29
CA GLY B 191 13.72 7.34 -42.39
C GLY B 191 12.61 6.51 -42.98
N TYR B 192 11.68 7.15 -43.69
CA TYR B 192 10.61 6.39 -44.41
C TYR B 192 10.79 6.62 -45.91
N TYR B 193 10.40 7.79 -46.42
CA TYR B 193 10.61 8.11 -47.85
C TYR B 193 12.03 7.69 -48.26
N ARG B 194 13.00 7.85 -47.36
CA ARG B 194 14.40 7.49 -47.62
C ARG B 194 14.91 6.75 -46.40
N TYR B 195 16.19 6.35 -46.43
CA TYR B 195 16.81 5.77 -45.24
C TYR B 195 18.26 6.26 -45.16
N GLN B 196 18.45 7.36 -44.45
CA GLN B 196 19.78 7.89 -44.19
C GLN B 196 20.23 7.34 -42.84
N THR B 197 21.01 6.26 -42.87
CA THR B 197 21.36 5.57 -41.64
C THR B 197 22.03 6.50 -40.64
N GLU B 198 23.00 7.30 -41.10
CA GLU B 198 23.81 8.05 -40.14
C GLU B 198 22.99 9.11 -39.42
N VAL B 199 21.83 9.49 -39.95
CA VAL B 199 21.01 10.48 -39.25
C VAL B 199 19.87 9.81 -38.48
N ILE B 200 19.76 8.49 -38.54
CA ILE B 200 18.80 7.78 -37.68
C ILE B 200 19.44 7.49 -36.33
N ILE B 201 20.67 6.98 -36.34
CA ILE B 201 21.36 6.70 -35.09
C ILE B 201 21.49 7.97 -34.27
N PHE B 202 21.72 9.09 -34.93
CA PHE B 202 21.83 10.36 -34.22
C PHE B 202 20.54 10.69 -33.48
N ILE B 203 19.39 10.50 -34.14
CA ILE B 203 18.11 10.81 -33.50
C ILE B 203 17.89 9.92 -32.29
N VAL B 204 18.18 8.63 -32.42
CA VAL B 204 17.97 7.70 -31.31
C VAL B 204 18.86 8.08 -30.13
N ALA B 205 20.13 8.38 -30.40
CA ALA B 205 21.02 8.78 -29.31
C ALA B 205 20.51 10.04 -28.63
N LEU B 206 20.07 11.02 -29.42
CA LEU B 206 19.62 12.28 -28.83
C LEU B 206 18.40 12.06 -27.95
N LEU B 207 17.45 11.24 -28.41
CA LEU B 207 16.26 10.98 -27.60
C LEU B 207 16.61 10.24 -26.32
N VAL B 208 17.54 9.27 -26.39
CA VAL B 208 17.96 8.58 -25.18
C VAL B 208 18.55 9.58 -24.19
N LEU B 209 19.38 10.50 -24.66
CA LEU B 209 19.96 11.49 -23.77
C LEU B 209 18.88 12.34 -23.11
N LEU B 210 17.89 12.78 -23.89
CA LEU B 210 16.83 13.60 -23.30
C LEU B 210 16.07 12.85 -22.23
N VAL B 211 15.72 11.59 -22.51
CA VAL B 211 14.97 10.80 -21.53
C VAL B 211 15.77 10.66 -20.24
N ILE B 212 17.06 10.35 -20.38
CA ILE B 212 17.90 10.16 -19.19
C ILE B 212 17.96 11.44 -18.37
N LEU B 213 18.15 12.58 -19.04
CA LEU B 213 18.26 13.84 -18.30
C LEU B 213 16.97 14.14 -17.55
N ILE B 214 15.82 13.97 -18.19
CA ILE B 214 14.57 14.29 -17.51
C ILE B 214 14.36 13.37 -16.30
N GLN B 215 14.57 12.06 -16.47
CA GLN B 215 14.38 11.15 -15.36
C GLN B 215 15.32 11.50 -14.20
N SER B 216 16.59 11.76 -14.51
CA SER B 216 17.57 12.01 -13.46
C SER B 216 17.25 13.29 -12.69
N THR B 217 16.87 14.36 -13.38
CA THR B 217 16.51 15.58 -12.66
C THR B 217 15.28 15.37 -11.79
N GLY B 218 14.26 14.70 -12.33
CA GLY B 218 13.05 14.48 -11.57
C GLY B 218 13.30 13.69 -10.30
N ASN B 219 14.10 12.62 -10.40
CA ASN B 219 14.36 11.81 -9.22
C ASN B 219 15.05 12.61 -8.13
N ALA B 220 16.05 13.42 -8.50
CA ALA B 220 16.76 14.20 -7.50
C ALA B 220 15.83 15.20 -6.82
N LEU B 221 15.04 15.92 -7.60
CA LEU B 221 14.14 16.89 -6.98
C LEU B 221 13.13 16.19 -6.07
N ALA B 222 12.58 15.06 -6.49
CA ALA B 222 11.64 14.36 -5.64
C ALA B 222 12.30 13.91 -4.34
N ARG B 223 13.53 13.42 -4.42
CA ARG B 223 14.23 12.97 -3.22
C ARG B 223 14.50 14.11 -2.26
N LYS B 224 14.89 15.28 -2.76
CA LYS B 224 15.27 16.36 -1.85
C LYS B 224 14.07 16.92 -1.08
N LEU B 225 12.84 16.67 -1.55
CA LEU B 225 11.70 17.36 -0.95
C LEU B 225 11.08 16.57 0.21
N ASP B 226 11.10 15.24 0.15
CA ASP B 226 10.45 14.46 1.20
C ASP B 226 11.33 14.36 2.45
N ILE C 25 18.07 -29.94 21.34
CA ILE C 25 18.05 -28.70 20.51
C ILE C 25 19.04 -27.71 21.13
N ILE C 26 20.26 -27.56 20.61
CA ILE C 26 21.27 -26.71 21.24
C ILE C 26 21.88 -25.72 20.26
N LEU C 27 22.18 -24.52 20.74
CA LEU C 27 23.02 -23.56 20.06
C LEU C 27 24.37 -23.60 20.77
N ASP C 28 25.41 -24.10 20.11
CA ASP C 28 26.76 -24.17 20.68
C ASP C 28 27.27 -22.76 21.00
N LYS C 29 27.33 -21.92 19.98
CA LYS C 29 27.37 -20.45 20.01
C LYS C 29 26.70 -19.97 18.72
N VAL C 30 26.21 -18.74 18.68
CA VAL C 30 25.74 -18.05 17.46
C VAL C 30 25.97 -16.54 17.57
N SER C 31 25.93 -15.81 16.47
CA SER C 31 25.75 -14.35 16.44
C SER C 31 25.21 -13.89 15.11
N LYS C 32 24.56 -12.74 15.03
CA LYS C 32 24.37 -12.03 13.76
C LYS C 32 24.31 -10.52 13.94
N HIS C 33 25.06 -9.80 13.13
CA HIS C 33 25.06 -8.34 13.06
C HIS C 33 24.55 -7.91 11.69
N TYR C 34 23.37 -7.26 11.63
CA TYR C 34 22.78 -6.81 10.37
C TYR C 34 23.57 -5.64 9.84
N GLN C 35 24.04 -5.72 8.61
CA GLN C 35 24.65 -4.57 7.94
C GLN C 35 23.59 -3.49 7.73
N THR C 36 24.03 -2.23 7.75
CA THR C 36 23.11 -1.10 7.48
C THR C 36 22.71 -1.13 6.01
N ARG C 37 21.69 -0.37 5.62
CA ARG C 37 21.17 -0.33 4.22
C ARG C 37 20.25 -1.54 4.04
N ASP C 38 20.12 -2.37 5.07
CA ASP C 38 19.16 -3.51 5.03
C ASP C 38 17.95 -3.00 5.80
N LYS C 39 18.17 -2.12 6.78
CA LYS C 39 17.04 -1.47 7.52
C LYS C 39 15.95 -2.50 7.89
N THR C 40 16.36 -3.70 8.29
CA THR C 40 15.38 -4.75 8.72
C THR C 40 14.78 -4.38 10.07
N ARG C 41 13.54 -4.80 10.33
CA ARG C 41 12.90 -4.53 11.65
C ARG C 41 13.67 -5.30 12.73
N PHE C 42 14.40 -6.35 12.34
CA PHE C 42 15.17 -7.15 13.29
C PHE C 42 16.37 -6.41 13.88
N ALA C 43 16.81 -6.86 15.07
CA ALA C 43 17.99 -6.25 15.73
C ALA C 43 19.13 -7.29 15.82
N ALA C 44 20.38 -6.84 15.96
CA ALA C 44 21.55 -7.75 15.98
C ALA C 44 21.61 -8.58 17.26
N VAL C 45 22.16 -9.81 17.18
CA VAL C 45 22.31 -10.65 18.41
C VAL C 45 23.79 -10.94 18.67
N GLU C 46 24.18 -11.34 19.89
CA GLU C 46 25.60 -11.51 20.24
C GLU C 46 25.89 -12.93 20.78
N PRO C 47 27.14 -13.30 21.11
CA PRO C 47 27.51 -14.67 21.44
C PRO C 47 26.68 -15.32 22.55
N THR C 48 25.73 -16.14 22.13
CA THR C 48 24.69 -16.76 22.97
C THR C 48 24.68 -18.26 22.78
N SER C 49 24.40 -19.00 23.85
CA SER C 49 24.27 -20.45 23.84
C SER C 49 23.05 -20.86 24.66
N LEU C 50 22.29 -21.85 24.17
CA LEU C 50 20.99 -22.25 24.70
C LEU C 50 20.80 -23.76 24.55
N GLU C 51 19.97 -24.35 25.40
CA GLU C 51 19.71 -25.80 25.42
C GLU C 51 18.25 -26.08 25.81
N ILE C 52 17.36 -26.05 24.83
CA ILE C 52 15.94 -26.38 25.01
C ILE C 52 15.83 -27.90 25.19
N ARG C 53 15.23 -28.38 26.27
CA ARG C 53 15.26 -29.84 26.52
C ARG C 53 14.16 -30.56 25.74
N ASP C 54 14.15 -31.89 25.80
CA ASP C 54 13.12 -32.74 25.19
C ASP C 54 11.75 -32.53 25.88
N GLY C 55 10.68 -32.30 25.13
CA GLY C 55 9.32 -32.07 25.66
C GLY C 55 9.04 -30.68 26.28
N GLU C 56 10.05 -29.87 26.54
CA GLU C 56 9.94 -28.58 27.24
C GLU C 56 9.26 -27.47 26.44
N ILE C 57 8.47 -26.60 27.08
CA ILE C 57 8.08 -25.31 26.51
C ILE C 57 9.00 -24.21 27.03
N PHE C 58 9.79 -23.57 26.18
CA PHE C 58 10.82 -22.60 26.58
C PHE C 58 10.54 -21.21 26.00
N GLY C 59 10.42 -20.16 26.83
CA GLY C 59 10.00 -18.83 26.38
C GLY C 59 11.13 -17.82 26.24
N LEU C 60 11.26 -17.15 25.12
CA LEU C 60 12.16 -16.03 24.89
C LEU C 60 11.41 -14.73 25.22
N MET C 61 11.95 -13.98 26.20
CA MET C 61 11.27 -12.76 26.69
C MET C 61 12.20 -11.55 26.58
N GLY C 62 11.64 -10.36 26.37
CA GLY C 62 12.43 -9.11 26.26
C GLY C 62 11.61 -7.99 25.62
N TYR C 63 12.02 -6.74 25.84
CA TYR C 63 11.35 -5.58 25.20
C TYR C 63 11.77 -5.52 23.73
N SER C 64 11.06 -4.74 22.90
CA SER C 64 11.37 -4.73 21.44
C SER C 64 12.82 -4.31 21.21
N GLY C 65 13.58 -5.04 20.39
CA GLY C 65 15.03 -4.74 20.35
C GLY C 65 15.84 -5.73 21.17
N ALA C 66 15.20 -6.49 22.06
CA ALA C 66 15.93 -7.54 22.81
C ALA C 66 16.54 -8.54 21.82
N GLY C 67 15.92 -8.75 20.65
CA GLY C 67 16.50 -9.64 19.63
C GLY C 67 15.91 -11.04 19.69
N LYS C 68 14.81 -11.23 20.43
CA LYS C 68 14.17 -12.56 20.57
C LYS C 68 13.72 -13.08 19.19
N SER C 69 13.14 -12.22 18.36
CA SER C 69 12.66 -12.63 17.02
C SER C 69 13.86 -13.08 16.15
N THR C 70 14.97 -12.35 16.23
CA THR C 70 16.19 -12.72 15.46
C THR C 70 16.69 -14.09 15.94
N LEU C 71 16.69 -14.31 17.26
CA LEU C 71 17.21 -15.59 17.81
C LEU C 71 16.34 -16.75 17.32
N LEU C 72 15.03 -16.54 17.20
CA LEU C 72 14.13 -17.59 16.73
C LEU C 72 14.44 -18.01 15.28
N ARG C 73 14.66 -17.04 14.38
CA ARG C 73 14.96 -17.36 12.95
C ARG C 73 16.23 -18.22 12.85
N LEU C 74 17.29 -17.87 13.58
CA LEU C 74 18.57 -18.59 13.56
C LEU C 74 18.42 -20.08 13.84
N ILE C 75 17.45 -20.53 14.65
CA ILE C 75 17.20 -21.95 14.95
C ILE C 75 16.78 -22.73 13.69
N ASN C 76 15.86 -22.13 12.92
CA ASN C 76 15.37 -22.80 11.68
C ASN C 76 16.45 -22.39 10.69
N LEU C 77 17.45 -21.65 11.16
CA LEU C 77 18.52 -21.14 10.25
C LEU C 77 17.96 -20.55 8.90
N LEU C 78 16.95 -19.67 9.05
CA LEU C 78 16.45 -18.92 7.86
C LEU C 78 17.47 -17.80 7.84
N GLU C 79 17.55 -17.03 8.91
CA GLU C 79 18.67 -16.11 9.00
C GLU C 79 19.88 -16.99 9.30
N ARG C 80 20.91 -16.86 8.46
CA ARG C 80 22.18 -17.59 8.64
C ARG C 80 23.06 -16.82 9.64
N PRO C 81 23.61 -17.40 10.74
CA PRO C 81 24.43 -16.64 11.66
C PRO C 81 25.77 -16.23 11.05
N ASP C 82 26.43 -15.20 11.58
CA ASP C 82 27.78 -14.83 11.17
C ASP C 82 28.82 -15.92 11.52
N SER C 83 28.65 -16.60 12.64
CA SER C 83 29.58 -17.61 13.17
C SER C 83 28.88 -18.55 14.16
N GLY C 84 29.49 -19.70 14.45
CA GLY C 84 28.98 -20.67 15.41
C GLY C 84 28.16 -21.82 14.80
N LYS C 85 27.57 -22.67 15.64
CA LYS C 85 26.93 -23.95 15.24
C LYS C 85 25.53 -24.13 15.81
N VAL C 86 24.63 -24.69 15.02
CA VAL C 86 23.22 -24.94 15.35
C VAL C 86 22.95 -26.44 15.23
N ASN C 87 22.72 -27.12 16.34
CA ASN C 87 22.47 -28.56 16.36
C ASN C 87 20.99 -28.80 16.65
N VAL C 88 20.19 -29.17 15.67
CA VAL C 88 18.77 -29.48 15.89
C VAL C 88 18.57 -30.97 15.71
N CYS C 89 18.14 -31.64 16.77
CA CYS C 89 17.74 -33.05 16.76
C CYS C 89 18.81 -34.00 16.21
N GLY C 90 20.09 -33.73 16.51
CA GLY C 90 21.18 -34.58 16.01
C GLY C 90 22.00 -33.91 14.92
N GLN C 91 21.35 -33.49 13.82
CA GLN C 91 22.08 -32.92 12.65
C GLN C 91 22.68 -31.56 12.96
N GLU C 92 23.81 -31.22 12.33
CA GLU C 92 24.38 -29.85 12.49
C GLU C 92 23.85 -29.06 11.30
N LEU C 93 22.89 -28.18 11.52
CA LEU C 93 22.22 -27.48 10.38
C LEU C 93 23.17 -26.56 9.61
N THR C 94 24.13 -25.88 10.26
CA THR C 94 24.95 -24.86 9.56
C THR C 94 25.74 -25.43 8.38
N ALA C 95 26.28 -26.65 8.48
CA ALA C 95 27.14 -27.21 7.40
C ALA C 95 26.34 -27.85 6.28
N LEU C 96 25.00 -27.91 6.37
CA LEU C 96 24.19 -28.71 5.39
C LEU C 96 24.01 -28.04 4.02
N ASP C 97 23.90 -28.84 2.96
CA ASP C 97 23.65 -28.32 1.59
C ASP C 97 22.17 -27.96 1.48
N ALA C 98 21.80 -27.15 0.49
CA ALA C 98 20.41 -26.65 0.43
C ALA C 98 19.41 -27.81 0.28
N ALA C 99 19.69 -28.82 -0.51
CA ALA C 99 18.68 -29.89 -0.72
C ALA C 99 18.39 -30.63 0.59
N ALA C 100 19.42 -30.95 1.38
CA ALA C 100 19.22 -31.60 2.70
C ALA C 100 18.54 -30.65 3.69
N LEU C 101 18.87 -29.36 3.66
CA LEU C 101 18.27 -28.39 4.62
C LEU C 101 16.76 -28.37 4.41
N ARG C 102 16.31 -28.46 3.16
CA ARG C 102 14.85 -28.44 2.88
C ARG C 102 14.12 -29.51 3.70
N GLN C 103 14.78 -30.56 4.18
CA GLN C 103 14.16 -31.58 5.07
C GLN C 103 14.22 -31.08 6.51
N ALA C 104 15.33 -30.45 6.91
CA ALA C 104 15.47 -29.93 8.28
C ALA C 104 14.40 -28.86 8.53
N ARG C 105 14.15 -27.99 7.55
CA ARG C 105 13.09 -26.94 7.68
C ARG C 105 11.72 -27.60 7.80
N GLN C 106 11.48 -28.67 7.04
CA GLN C 106 10.18 -29.42 7.11
C GLN C 106 10.02 -30.01 8.52
N ASN C 107 11.11 -30.47 9.13
CA ASN C 107 11.06 -31.10 10.47
C ASN C 107 10.60 -30.09 11.54
N ILE C 108 10.68 -28.79 11.24
CA ILE C 108 10.33 -27.77 12.27
C ILE C 108 9.03 -27.04 11.88
N GLY C 109 7.96 -27.18 12.68
CA GLY C 109 6.73 -26.39 12.42
C GLY C 109 6.93 -24.95 12.84
N MET C 110 6.26 -24.00 12.18
CA MET C 110 6.35 -22.57 12.61
C MET C 110 5.00 -21.87 12.49
N VAL C 111 4.73 -20.90 13.38
CA VAL C 111 3.47 -20.09 13.30
C VAL C 111 3.89 -18.62 13.40
N PHE C 112 3.08 -17.69 12.88
CA PHE C 112 3.55 -16.28 12.84
C PHE C 112 2.55 -15.29 13.47
N GLN C 113 3.05 -14.12 13.88
CA GLN C 113 2.23 -13.04 14.45
C GLN C 113 1.14 -12.60 13.47
N GLN C 114 1.53 -12.19 12.26
CA GLN C 114 0.66 -12.03 11.11
C GLN C 114 0.39 -13.41 10.54
N PHE C 115 -0.88 -13.78 10.43
CA PHE C 115 -1.26 -15.18 10.10
C PHE C 115 -0.43 -15.82 8.97
N ASN C 116 -0.07 -15.08 7.92
CA ASN C 116 0.77 -15.61 6.81
C ASN C 116 0.16 -16.89 6.23
N LEU C 117 -1.14 -16.88 5.92
CA LEU C 117 -1.81 -18.06 5.31
C LEU C 117 -2.33 -17.70 3.91
N LEU C 118 -2.22 -18.62 2.93
CA LEU C 118 -2.60 -18.32 1.52
C LEU C 118 -4.10 -18.03 1.46
N SER C 119 -4.50 -16.96 0.76
CA SER C 119 -5.93 -16.53 0.78
C SER C 119 -6.78 -17.16 -0.32
N ASN C 120 -6.17 -17.68 -1.39
CA ASN C 120 -6.98 -18.17 -2.54
C ASN C 120 -7.27 -19.67 -2.42
N ARG C 121 -6.86 -20.30 -1.32
CA ARG C 121 -7.18 -21.74 -1.10
C ARG C 121 -8.03 -21.92 0.16
N THR C 122 -8.82 -23.00 0.24
CA THR C 122 -9.76 -23.22 1.38
C THR C 122 -9.08 -23.67 2.67
N VAL C 123 -9.80 -23.69 3.80
CA VAL C 123 -9.11 -24.02 5.08
C VAL C 123 -8.39 -25.38 4.96
N ALA C 124 -9.06 -26.38 4.36
CA ALA C 124 -8.42 -27.70 4.13
C ALA C 124 -7.13 -27.65 3.31
N ASP C 125 -7.12 -26.88 2.23
CA ASP C 125 -5.93 -26.81 1.33
C ASP C 125 -4.72 -26.26 2.08
N ASN C 126 -4.91 -25.26 2.94
CA ASN C 126 -3.76 -24.63 3.64
C ASN C 126 -3.05 -25.68 4.50
N VAL C 127 -3.81 -26.50 5.23
CA VAL C 127 -3.20 -27.59 6.06
C VAL C 127 -2.52 -28.60 5.12
N ALA C 128 -3.12 -28.88 3.98
CA ALA C 128 -2.57 -29.88 3.02
C ALA C 128 -1.28 -29.39 2.33
N PHE C 129 -1.02 -28.08 2.29
CA PHE C 129 0.12 -27.56 1.49
C PHE C 129 1.49 -28.13 1.93
N PRO C 130 1.86 -28.22 3.22
CA PRO C 130 3.14 -28.85 3.60
C PRO C 130 3.18 -30.33 3.21
N LEU C 131 2.05 -31.04 3.32
CA LEU C 131 2.03 -32.49 3.02
C LEU C 131 2.26 -32.72 1.53
N GLU C 132 1.87 -31.76 0.68
CA GLU C 132 1.99 -31.95 -0.79
C GLU C 132 3.46 -31.74 -1.20
N ILE C 133 4.15 -30.81 -0.55
CA ILE C 133 5.57 -30.62 -0.81
C ILE C 133 6.36 -31.87 -0.42
N ALA C 134 5.93 -32.53 0.65
CA ALA C 134 6.64 -33.73 1.15
C ALA C 134 6.40 -34.91 0.20
N GLY C 135 5.75 -34.67 -0.94
CA GLY C 135 5.47 -35.74 -1.92
C GLY C 135 4.66 -36.87 -1.32
N TRP C 136 3.72 -36.55 -0.42
CA TRP C 136 2.86 -37.57 0.23
C TRP C 136 1.82 -38.11 -0.76
N PRO C 137 1.32 -39.35 -0.60
CA PRO C 137 0.24 -39.87 -1.44
C PRO C 137 -0.98 -38.97 -1.18
N SER C 138 -1.89 -38.85 -2.15
CA SER C 138 -3.00 -37.87 -1.97
C SER C 138 -4.08 -38.45 -1.06
N GLU C 139 -4.29 -39.76 -1.07
CA GLU C 139 -5.25 -40.34 -0.12
C GLU C 139 -4.77 -40.15 1.31
N LYS C 140 -3.46 -40.25 1.54
CA LYS C 140 -2.89 -40.04 2.90
C LYS C 140 -3.06 -38.58 3.30
N ILE C 141 -2.86 -37.65 2.36
CA ILE C 141 -2.98 -36.20 2.68
C ILE C 141 -4.40 -35.92 3.14
N LYS C 142 -5.39 -36.56 2.52
CA LYS C 142 -6.81 -36.37 2.91
C LYS C 142 -7.02 -36.86 4.35
N ALA C 143 -6.44 -38.00 4.72
CA ALA C 143 -6.66 -38.55 6.08
C ALA C 143 -6.08 -37.63 7.14
N ARG C 144 -4.85 -37.15 6.96
CA ARG C 144 -4.20 -36.34 8.01
C ARG C 144 -4.94 -35.01 8.20
N VAL C 145 -5.35 -34.36 7.12
CA VAL C 145 -5.96 -33.01 7.27
C VAL C 145 -7.25 -33.09 8.11
N LYS C 146 -8.07 -34.13 7.93
CA LYS C 146 -9.37 -34.18 8.66
C LYS C 146 -9.00 -34.33 10.13
N GLU C 147 -7.93 -35.07 10.40
CA GLU C 147 -7.43 -35.29 11.79
C GLU C 147 -6.93 -33.95 12.36
N CYS C 148 -6.16 -33.20 11.57
CA CYS C 148 -5.62 -31.89 12.03
C CYS C 148 -6.74 -30.88 12.35
N LEU C 149 -7.78 -30.84 11.50
CA LEU C 149 -8.94 -29.93 11.74
C LEU C 149 -9.60 -30.49 13.01
N GLU C 150 -9.61 -31.82 13.16
CA GLU C 150 -10.20 -32.45 14.38
C GLU C 150 -9.55 -31.86 15.66
N ILE C 151 -8.21 -31.86 15.69
CA ILE C 151 -7.45 -31.30 16.85
C ILE C 151 -7.70 -29.83 17.20
N VAL C 152 -7.86 -28.96 16.19
CA VAL C 152 -8.02 -27.50 16.46
C VAL C 152 -9.51 -27.16 16.41
N GLY C 153 -10.38 -28.17 16.39
CA GLY C 153 -11.84 -27.93 16.42
C GLY C 153 -12.33 -26.99 15.33
N LEU C 154 -11.82 -27.13 14.10
CA LEU C 154 -12.34 -26.30 12.98
C LEU C 154 -12.73 -27.20 11.79
N THR C 155 -13.23 -28.40 12.07
CA THR C 155 -13.67 -29.34 10.99
C THR C 155 -14.84 -28.71 10.22
N GLU C 156 -15.75 -28.02 10.91
CA GLU C 156 -16.97 -27.44 10.28
C GLU C 156 -16.61 -26.43 9.19
N ARG C 157 -15.53 -25.65 9.41
CA ARG C 157 -15.14 -24.60 8.45
C ARG C 157 -14.07 -25.14 7.51
N ALA C 158 -14.16 -26.41 7.13
CA ALA C 158 -13.19 -27.01 6.18
C ALA C 158 -13.28 -26.34 4.81
N GLY C 159 -14.48 -26.00 4.34
CA GLY C 159 -14.64 -25.43 2.98
C GLY C 159 -14.66 -23.91 2.92
N HIS C 160 -14.64 -23.25 4.08
CA HIS C 160 -14.63 -21.76 4.11
C HIS C 160 -13.26 -21.25 3.67
N TYR C 161 -13.17 -19.98 3.28
CA TYR C 161 -11.90 -19.42 2.77
C TYR C 161 -11.33 -18.49 3.84
N PRO C 162 -9.98 -18.31 3.93
CA PRO C 162 -9.36 -17.52 4.99
C PRO C 162 -9.72 -16.04 5.08
N ALA C 163 -10.56 -15.53 4.19
CA ALA C 163 -10.98 -14.12 4.33
C ALA C 163 -12.30 -14.07 5.09
N GLN C 164 -12.84 -15.24 5.42
CA GLN C 164 -14.15 -15.30 6.13
C GLN C 164 -13.91 -15.66 7.60
N LEU C 165 -12.67 -15.94 8.02
CA LEU C 165 -12.49 -16.39 9.43
C LEU C 165 -12.04 -15.26 10.36
N SER C 166 -12.34 -15.38 11.66
CA SER C 166 -11.96 -14.38 12.67
C SER C 166 -10.48 -14.53 13.01
N GLY C 167 -9.91 -13.62 13.80
CA GLY C 167 -8.47 -13.68 14.09
C GLY C 167 -8.10 -14.97 14.80
N GLY C 168 -8.93 -15.39 15.76
CA GLY C 168 -8.66 -16.64 16.50
C GLY C 168 -8.71 -17.84 15.59
N GLN C 169 -9.70 -17.92 14.71
CA GLN C 169 -9.85 -19.11 13.83
C GLN C 169 -8.67 -19.18 12.87
N LYS C 170 -8.18 -18.05 12.39
CA LYS C 170 -7.00 -18.04 11.49
C LYS C 170 -5.77 -18.58 12.22
N GLN C 171 -5.56 -18.23 13.49
CA GLN C 171 -4.44 -18.81 14.27
C GLN C 171 -4.63 -20.30 14.47
N ARG C 172 -5.86 -20.76 14.73
CA ARG C 172 -6.05 -22.21 15.00
C ARG C 172 -5.87 -23.00 13.71
N VAL C 173 -5.95 -22.35 12.54
CA VAL C 173 -5.57 -23.01 11.25
C VAL C 173 -4.05 -23.05 11.12
N GLY C 174 -3.36 -21.98 11.53
CA GLY C 174 -1.89 -21.92 11.47
C GLY C 174 -1.26 -23.01 12.31
N ILE C 175 -1.80 -23.28 13.49
CA ILE C 175 -1.28 -24.36 14.37
C ILE C 175 -1.47 -25.71 13.68
N ALA C 176 -2.61 -25.92 13.02
CA ALA C 176 -2.90 -27.20 12.33
C ALA C 176 -1.96 -27.43 11.16
N ARG C 177 -1.62 -26.39 10.38
CA ARG C 177 -0.65 -26.52 9.26
C ARG C 177 0.72 -26.76 9.86
N ALA C 178 1.04 -26.26 11.06
CA ALA C 178 2.35 -26.56 11.69
C ALA C 178 2.46 -28.01 12.15
N LEU C 179 1.38 -28.63 12.63
CA LEU C 179 1.43 -30.01 13.19
C LEU C 179 1.19 -31.06 12.08
N ALA C 180 0.83 -30.64 10.86
CA ALA C 180 0.47 -31.60 9.79
C ALA C 180 1.64 -32.51 9.38
N PRO C 181 2.90 -32.06 9.20
CA PRO C 181 3.95 -32.96 8.74
C PRO C 181 4.46 -33.82 9.89
N LYS C 182 3.78 -33.82 11.04
CA LYS C 182 4.23 -34.54 12.28
C LYS C 182 5.61 -34.06 12.73
N PRO C 183 5.76 -32.76 13.09
CA PRO C 183 7.06 -32.21 13.44
C PRO C 183 7.53 -32.63 14.83
N GLN C 184 8.83 -32.52 15.11
CA GLN C 184 9.38 -32.83 16.45
C GLN C 184 9.68 -31.51 17.15
N VAL C 185 9.63 -30.39 16.44
CA VAL C 185 9.75 -29.06 17.05
C VAL C 185 8.71 -28.14 16.45
N ILE C 186 8.23 -27.16 17.22
CA ILE C 186 7.50 -25.99 16.71
C ILE C 186 8.19 -24.72 17.22
N LEU C 187 8.25 -23.68 16.40
CA LEU C 187 8.68 -22.34 16.79
C LEU C 187 7.46 -21.40 16.75
N ALA C 188 7.27 -20.48 17.68
CA ALA C 188 6.10 -19.61 17.70
C ALA C 188 6.49 -18.13 17.81
N ASP C 189 6.33 -17.38 16.74
CA ASP C 189 6.68 -15.97 16.63
C ASP C 189 5.55 -15.07 17.16
N GLU C 190 5.35 -15.06 18.48
CA GLU C 190 4.35 -14.26 19.23
C GLU C 190 2.92 -14.30 18.67
N PRO C 191 2.32 -15.49 18.48
CA PRO C 191 1.06 -15.63 17.74
C PRO C 191 -0.11 -14.85 18.36
N THR C 192 -0.15 -14.71 19.68
CA THR C 192 -1.27 -14.10 20.39
C THR C 192 -1.17 -12.59 20.59
N SER C 193 -0.18 -11.92 20.02
CA SER C 193 0.01 -10.48 20.18
C SER C 193 -1.20 -9.66 19.72
N ALA C 194 -1.88 -10.10 18.65
CA ALA C 194 -3.04 -9.43 18.04
C ALA C 194 -4.41 -9.80 18.64
N LEU C 195 -4.48 -10.84 19.48
CA LEU C 195 -5.72 -11.43 19.98
C LEU C 195 -6.16 -10.82 21.32
N ASP C 196 -7.47 -10.67 21.53
CA ASP C 196 -8.03 -10.27 22.82
C ASP C 196 -7.94 -11.39 23.87
N PRO C 197 -8.09 -11.11 25.18
CA PRO C 197 -7.93 -12.11 26.22
C PRO C 197 -8.90 -13.28 26.13
N ALA C 198 -10.13 -13.08 25.67
CA ALA C 198 -11.11 -14.15 25.54
C ALA C 198 -10.76 -15.18 24.47
N THR C 199 -10.20 -14.79 23.32
CA THR C 199 -9.68 -15.75 22.33
C THR C 199 -8.27 -16.22 22.66
N THR C 200 -7.44 -15.39 23.29
CA THR C 200 -6.08 -15.79 23.69
C THR C 200 -6.09 -16.99 24.62
N ARG C 201 -7.00 -17.07 25.58
CA ARG C 201 -7.13 -18.23 26.47
C ARG C 201 -7.47 -19.51 25.73
N SER C 202 -8.23 -19.46 24.63
CA SER C 202 -8.62 -20.66 23.87
C SER C 202 -7.56 -21.16 22.89
N VAL C 203 -6.62 -20.34 22.41
CA VAL C 203 -5.47 -20.81 21.61
C VAL C 203 -4.29 -21.27 22.47
N LEU C 204 -4.02 -20.69 23.65
CA LEU C 204 -2.96 -21.20 24.53
C LEU C 204 -3.27 -22.60 25.06
N GLU C 205 -4.52 -22.93 25.34
CA GLU C 205 -4.93 -24.29 25.69
C GLU C 205 -4.71 -25.32 24.57
N CYS C 206 -4.67 -24.90 23.30
CA CYS C 206 -4.33 -25.76 22.18
C CYS C 206 -2.85 -26.15 22.19
N LEU C 207 -1.94 -25.20 22.45
CA LEU C 207 -0.51 -25.49 22.61
C LEU C 207 -0.24 -26.38 23.82
N GLU C 208 -0.98 -26.24 24.93
CA GLU C 208 -0.91 -27.19 26.04
C GLU C 208 -1.31 -28.62 25.64
N ASP C 209 -2.44 -28.81 24.94
CA ASP C 209 -2.91 -30.13 24.50
C ASP C 209 -1.93 -30.80 23.52
N ILE C 210 -1.42 -30.05 22.54
CA ILE C 210 -0.41 -30.54 21.60
C ILE C 210 0.86 -30.97 22.33
N ASN C 211 1.38 -30.21 23.29
CA ASN C 211 2.54 -30.64 24.05
C ASN C 211 2.25 -31.89 24.91
N LYS C 212 1.13 -31.92 25.64
CA LYS C 212 0.81 -33.06 26.53
C LYS C 212 0.58 -34.35 25.76
N ARG C 213 -0.08 -34.33 24.60
CA ARG C 213 -0.34 -35.56 23.82
C ARG C 213 0.79 -35.96 22.88
N PHE C 214 1.56 -34.99 22.37
CA PHE C 214 2.59 -35.29 21.33
C PHE C 214 4.06 -34.89 21.57
N ASN C 215 4.40 -34.21 22.67
CA ASN C 215 5.83 -33.88 22.97
C ASN C 215 6.56 -33.04 21.90
N VAL C 216 5.96 -31.92 21.45
CA VAL C 216 6.50 -31.15 20.29
C VAL C 216 7.59 -30.12 20.66
N THR C 217 7.94 -29.96 21.95
CA THR C 217 9.08 -29.07 22.34
C THR C 217 8.95 -27.63 21.80
N ILE C 218 7.78 -27.01 21.91
CA ILE C 218 7.53 -25.66 21.33
C ILE C 218 8.41 -24.54 21.93
N VAL C 219 8.96 -23.65 21.10
CA VAL C 219 9.71 -22.44 21.59
C VAL C 219 8.83 -21.21 21.31
N ILE C 220 8.95 -20.11 22.08
CA ILE C 220 7.96 -19.03 21.97
C ILE C 220 8.62 -17.68 22.20
N VAL C 221 8.47 -16.70 21.31
CA VAL C 221 8.85 -15.31 21.61
C VAL C 221 7.66 -14.52 22.13
N THR C 222 7.91 -13.57 23.02
CA THR C 222 6.88 -12.68 23.60
C THR C 222 7.55 -11.44 24.20
N HIS C 223 6.73 -10.39 24.42
CA HIS C 223 7.24 -9.15 25.05
C HIS C 223 6.53 -8.98 26.40
N GLU C 224 5.69 -9.95 26.78
CA GLU C 224 4.89 -9.83 28.03
C GLU C 224 5.13 -11.02 28.97
N MET C 225 5.37 -10.76 30.25
CA MET C 225 5.59 -11.83 31.26
C MET C 225 4.29 -12.59 31.53
N SER C 226 3.12 -11.98 31.29
CA SER C 226 1.83 -12.62 31.67
C SER C 226 1.62 -13.97 30.95
N VAL C 227 1.93 -14.04 29.66
CA VAL C 227 1.75 -15.32 28.88
C VAL C 227 2.68 -16.39 29.46
N ILE C 228 3.88 -16.01 29.88
CA ILE C 228 4.86 -16.97 30.47
C ILE C 228 4.28 -17.57 31.75
N ARG C 229 3.62 -16.76 32.58
CA ARG C 229 3.02 -17.25 33.85
C ARG C 229 1.90 -18.26 33.52
N ARG C 230 1.47 -18.31 32.25
CA ARG C 230 0.35 -19.18 31.86
C ARG C 230 0.82 -20.51 31.27
N LEU C 231 1.99 -20.54 30.63
CA LEU C 231 2.38 -21.60 29.70
C LEU C 231 3.78 -22.22 29.92
N CYS C 232 4.85 -21.43 30.05
CA CYS C 232 6.23 -21.91 29.95
C CYS C 232 6.70 -22.82 31.11
N ASP C 233 7.77 -23.59 30.88
CA ASP C 233 8.52 -24.36 31.89
C ASP C 233 9.81 -23.65 32.35
N ARG C 234 10.47 -22.97 31.41
CA ARG C 234 11.63 -22.12 31.76
C ARG C 234 11.51 -20.88 30.87
N ALA C 235 12.40 -19.91 31.01
CA ALA C 235 12.36 -18.75 30.10
C ALA C 235 13.73 -18.12 30.01
N ALA C 236 13.98 -17.34 28.96
CA ALA C 236 15.27 -16.62 28.83
C ALA C 236 14.98 -15.13 28.72
N LEU C 237 15.63 -14.31 29.52
CA LEU C 237 15.32 -12.86 29.50
C LEU C 237 16.35 -12.16 28.63
N LEU C 238 15.92 -11.50 27.55
CA LEU C 238 16.88 -10.91 26.59
C LEU C 238 17.02 -9.40 26.70
N ASP C 239 18.24 -8.90 26.85
CA ASP C 239 18.48 -7.43 26.89
C ASP C 239 19.56 -7.07 25.86
N LYS C 240 19.30 -6.06 25.02
CA LYS C 240 20.27 -5.62 24.00
C LYS C 240 20.96 -6.80 23.30
N GLY C 241 20.22 -7.84 22.90
CA GLY C 241 20.84 -8.91 22.11
C GLY C 241 21.73 -9.90 22.88
N LYS C 242 21.66 -9.97 24.20
CA LYS C 242 22.31 -11.01 25.03
C LYS C 242 21.37 -11.48 26.15
N VAL C 243 21.43 -12.75 26.55
CA VAL C 243 20.66 -13.27 27.69
C VAL C 243 21.24 -12.77 29.01
N VAL C 244 20.38 -12.24 29.87
CA VAL C 244 20.83 -11.82 31.23
C VAL C 244 20.68 -13.01 32.17
N GLU C 245 19.60 -13.79 32.06
CA GLU C 245 19.37 -14.91 32.99
C GLU C 245 18.37 -15.93 32.43
N ILE C 246 18.40 -17.18 32.92
CA ILE C 246 17.38 -18.20 32.52
C ILE C 246 16.54 -18.48 33.77
N VAL C 247 15.33 -17.92 33.83
CA VAL C 247 14.46 -18.04 35.04
C VAL C 247 13.68 -19.36 34.98
N GLU C 248 13.06 -19.79 36.09
CA GLU C 248 12.18 -20.98 36.04
C GLU C 248 10.76 -20.51 36.36
N VAL C 249 9.83 -20.69 35.42
CA VAL C 249 8.42 -20.22 35.59
C VAL C 249 7.55 -21.43 35.94
N ARG C 250 8.19 -22.57 36.20
CA ARG C 250 7.43 -23.82 36.51
C ARG C 250 6.78 -23.60 37.86
N GLY C 251 7.58 -23.20 38.84
CA GLY C 251 6.99 -22.88 40.17
C GLY C 251 5.77 -21.99 40.03
N ASN C 252 5.55 -21.38 38.86
CA ASN C 252 4.39 -20.47 38.59
C ASN C 252 4.73 -19.05 39.05
N GLN C 253 5.90 -18.86 39.65
CA GLN C 253 6.35 -17.50 40.03
C GLN C 253 7.74 -17.28 39.41
N ILE C 254 7.89 -16.25 38.58
CA ILE C 254 9.22 -15.93 38.02
C ILE C 254 10.05 -15.34 39.14
N HIS C 255 11.32 -15.76 39.29
CA HIS C 255 12.22 -15.17 40.31
C HIS C 255 13.55 -14.81 39.64
N ALA C 256 14.04 -13.58 39.81
CA ALA C 256 15.27 -13.17 39.10
C ALA C 256 16.36 -12.69 40.05
N GLN C 257 17.55 -13.29 39.99
CA GLN C 257 18.71 -12.84 40.82
C GLN C 257 19.26 -11.49 40.33
N SER C 258 19.36 -11.26 39.02
CA SER C 258 20.01 -10.02 38.50
C SER C 258 19.14 -8.79 38.70
N ASP C 259 19.60 -7.61 38.25
CA ASP C 259 18.76 -6.39 38.37
C ASP C 259 17.93 -6.22 37.09
N ILE C 260 18.56 -6.37 35.92
CA ILE C 260 17.80 -6.26 34.65
C ILE C 260 16.67 -7.29 34.66
N GLY C 261 16.98 -8.54 35.02
CA GLY C 261 15.96 -9.59 35.05
C GLY C 261 14.77 -9.16 35.85
N ARG C 262 14.98 -8.62 37.07
CA ARG C 262 13.88 -8.20 37.99
C ARG C 262 13.11 -7.01 37.44
N GLU C 263 13.70 -6.22 36.53
CA GLU C 263 12.95 -5.10 35.90
C GLU C 263 11.98 -5.67 34.85
N LEU C 264 12.44 -6.58 34.00
CA LEU C 264 11.58 -7.15 32.92
C LEU C 264 10.42 -7.91 33.56
N ILE C 265 10.67 -8.60 34.67
CA ILE C 265 9.62 -9.42 35.35
C ILE C 265 8.47 -8.50 35.79
N ARG C 266 8.78 -7.29 36.28
CA ARG C 266 7.74 -6.37 36.80
C ARG C 266 6.70 -6.08 35.71
N MET D 24 -18.17 18.74 31.25
CA MET D 24 -19.18 17.81 31.82
C MET D 24 -20.07 17.28 30.69
N ILE D 25 -19.54 16.37 29.87
CA ILE D 25 -20.30 15.83 28.72
C ILE D 25 -21.50 15.07 29.24
N ILE D 26 -22.71 15.37 28.76
CA ILE D 26 -23.92 14.58 29.11
C ILE D 26 -24.53 14.12 27.79
N LEU D 27 -24.54 12.81 27.54
CA LEU D 27 -25.19 12.29 26.31
C LEU D 27 -26.62 11.89 26.69
N ASP D 28 -27.48 11.63 25.72
CA ASP D 28 -28.89 11.35 26.02
C ASP D 28 -29.59 10.66 24.83
N LYS D 29 -29.80 9.34 24.90
CA LYS D 29 -30.37 8.44 23.86
C LYS D 29 -29.65 8.52 22.49
N VAL D 30 -28.34 8.75 22.52
CA VAL D 30 -27.44 8.70 21.35
C VAL D 30 -27.44 7.31 20.70
N SER D 31 -27.34 7.18 19.38
CA SER D 31 -27.15 5.90 18.67
C SER D 31 -26.49 6.04 17.31
N LYS D 32 -25.85 4.97 16.85
CA LYS D 32 -25.32 4.79 15.48
C LYS D 32 -25.56 3.36 15.03
N HIS D 33 -25.90 3.21 13.76
CA HIS D 33 -25.84 1.97 13.02
C HIS D 33 -25.27 2.24 11.63
N TYR D 34 -24.63 1.22 11.06
CA TYR D 34 -23.98 1.41 9.74
C TYR D 34 -24.76 0.63 8.70
N GLN D 35 -24.47 0.86 7.42
CA GLN D 35 -25.17 0.15 6.32
C GLN D 35 -24.70 -1.31 6.32
N THR D 36 -25.42 -2.19 5.63
CA THR D 36 -25.05 -3.63 5.57
C THR D 36 -23.67 -3.76 4.96
N ARG D 37 -23.24 -2.75 4.18
CA ARG D 37 -21.89 -2.76 3.58
C ARG D 37 -20.86 -2.84 4.72
N ASP D 38 -21.07 -2.11 5.82
CA ASP D 38 -20.17 -2.22 7.01
C ASP D 38 -18.72 -2.01 6.58
N LYS D 39 -18.47 -1.00 5.74
CA LYS D 39 -17.10 -0.76 5.21
C LYS D 39 -16.13 -0.43 6.36
N THR D 40 -16.58 0.34 7.35
CA THR D 40 -15.68 0.83 8.43
C THR D 40 -15.54 -0.19 9.57
N ARG D 41 -14.40 -0.19 10.24
CA ARG D 41 -14.14 -1.11 11.39
C ARG D 41 -15.04 -0.78 12.58
N PHE D 42 -15.45 0.49 12.74
CA PHE D 42 -16.21 0.90 13.95
C PHE D 42 -17.51 0.11 14.08
N ALA D 43 -17.83 -0.35 15.29
CA ALA D 43 -19.09 -1.10 15.55
C ALA D 43 -20.25 -0.15 15.85
N ALA D 44 -21.48 -0.66 15.88
CA ALA D 44 -22.66 0.18 16.15
C ALA D 44 -22.85 0.41 17.65
N VAL D 45 -23.52 1.50 18.03
CA VAL D 45 -23.81 1.78 19.47
C VAL D 45 -25.34 1.83 19.62
N GLU D 46 -25.85 1.37 20.76
CA GLU D 46 -27.32 1.36 20.99
C GLU D 46 -27.69 2.43 22.03
N PRO D 47 -28.96 2.89 22.17
CA PRO D 47 -29.33 3.97 23.09
C PRO D 47 -28.65 3.88 24.45
N THR D 48 -27.84 4.91 24.73
CA THR D 48 -27.04 4.93 25.99
C THR D 48 -26.95 6.36 26.52
N SER D 49 -27.13 6.55 27.83
CA SER D 49 -26.96 7.89 28.44
C SER D 49 -25.79 7.83 29.42
N LEU D 50 -24.78 8.70 29.26
CA LEU D 50 -23.62 8.74 30.19
C LEU D 50 -23.38 10.18 30.63
N GLU D 51 -23.09 10.42 31.91
CA GLU D 51 -22.70 11.78 32.35
C GLU D 51 -21.30 11.70 32.95
N ILE D 52 -20.36 12.47 32.43
CA ILE D 52 -18.98 12.48 32.98
C ILE D 52 -18.82 13.79 33.76
N ARG D 53 -18.43 13.73 35.03
CA ARG D 53 -18.38 14.94 35.88
C ARG D 53 -17.18 15.82 35.52
N ASP D 54 -17.18 17.08 35.97
CA ASP D 54 -16.12 18.03 35.57
C ASP D 54 -14.89 17.86 36.42
N GLY D 55 -14.98 17.06 37.47
CA GLY D 55 -13.82 16.87 38.37
C GLY D 55 -13.12 15.53 38.25
N GLU D 56 -13.52 14.65 37.31
CA GLU D 56 -12.90 13.29 37.30
C GLU D 56 -12.50 12.70 35.93
N ILE D 57 -11.56 11.74 35.95
CA ILE D 57 -11.17 11.02 34.69
C ILE D 57 -12.04 9.79 34.41
N PHE D 58 -12.36 9.49 33.14
CA PHE D 58 -13.32 8.39 32.83
C PHE D 58 -12.60 7.36 31.97
N GLY D 59 -13.25 6.25 31.64
CA GLY D 59 -12.63 5.18 30.83
C GLY D 59 -13.66 4.23 30.25
N LEU D 60 -13.50 3.83 28.99
CA LEU D 60 -14.55 3.02 28.33
C LEU D 60 -14.03 1.62 28.04
N MET D 61 -14.11 0.71 29.01
CA MET D 61 -13.64 -0.68 28.80
C MET D 61 -14.52 -1.44 27.81
N GLY D 62 -13.89 -2.21 26.92
CA GLY D 62 -14.58 -3.31 26.20
C GLY D 62 -13.58 -4.14 25.41
N TYR D 63 -13.97 -4.62 24.22
CA TYR D 63 -13.34 -5.81 23.57
C TYR D 63 -13.09 -5.55 22.08
N SER D 64 -13.27 -6.57 21.22
CA SER D 64 -12.71 -6.53 19.85
C SER D 64 -13.64 -5.73 18.93
N GLY D 65 -14.96 -5.97 19.04
CA GLY D 65 -15.97 -5.11 18.39
C GLY D 65 -16.53 -4.10 19.37
N ALA D 66 -17.21 -4.58 20.42
CA ALA D 66 -17.76 -3.69 21.46
C ALA D 66 -18.54 -2.53 20.84
N GLY D 67 -18.29 -1.31 21.29
CA GLY D 67 -18.89 -0.10 20.68
C GLY D 67 -18.12 1.12 21.14
N LYS D 68 -17.02 0.94 21.86
CA LYS D 68 -16.28 2.06 22.50
C LYS D 68 -15.70 3.09 21.52
N SER D 69 -15.07 2.67 20.43
CA SER D 69 -14.39 3.67 19.56
C SER D 69 -15.40 4.64 18.93
N THR D 70 -16.56 4.13 18.50
CA THR D 70 -17.61 5.02 17.92
C THR D 70 -18.18 5.93 19.01
N LEU D 71 -18.21 5.49 20.28
CA LEU D 71 -18.81 6.32 21.31
C LEU D 71 -17.94 7.54 21.63
N LEU D 72 -16.62 7.39 21.59
CA LEU D 72 -15.68 8.52 21.69
C LEU D 72 -15.83 9.50 20.51
N ARG D 73 -16.06 9.01 19.28
CA ARG D 73 -16.22 9.92 18.12
C ARG D 73 -17.55 10.67 18.24
N LEU D 74 -18.60 10.03 18.77
CA LEU D 74 -19.90 10.67 18.98
C LEU D 74 -19.86 11.84 19.99
N ILE D 75 -18.89 11.93 20.88
CA ILE D 75 -18.70 13.12 21.74
C ILE D 75 -18.29 14.31 20.87
N ASN D 76 -17.46 14.08 19.86
CA ASN D 76 -16.88 15.10 18.99
C ASN D 76 -17.73 15.40 17.74
N LEU D 77 -18.78 14.62 17.46
CA LEU D 77 -19.54 14.58 16.21
C LEU D 77 -18.68 14.31 14.96
N LEU D 78 -17.57 13.60 15.10
CA LEU D 78 -16.85 12.98 13.96
C LEU D 78 -17.58 11.74 13.41
N GLU D 79 -18.54 11.21 14.17
CA GLU D 79 -19.64 10.38 13.71
C GLU D 79 -20.93 11.08 14.17
N ARG D 80 -22.00 11.11 13.37
CA ARG D 80 -23.23 11.84 13.76
C ARG D 80 -24.36 10.89 14.14
N PRO D 81 -25.00 11.04 15.32
CA PRO D 81 -25.98 10.08 15.78
C PRO D 81 -27.27 10.08 14.94
N ASP D 82 -28.01 8.96 14.92
CA ASP D 82 -29.35 8.85 14.35
C ASP D 82 -30.45 9.43 15.27
N SER D 83 -30.17 9.63 16.56
CA SER D 83 -31.12 10.01 17.60
C SER D 83 -30.44 10.73 18.76
N GLY D 84 -31.25 11.32 19.64
CA GLY D 84 -30.70 11.90 20.88
C GLY D 84 -29.98 13.22 20.72
N LYS D 85 -29.53 13.79 21.83
CA LYS D 85 -28.81 15.09 21.81
C LYS D 85 -27.43 14.90 22.43
N VAL D 86 -26.37 15.38 21.76
CA VAL D 86 -25.01 15.31 22.39
C VAL D 86 -24.72 16.68 23.01
N ASN D 87 -24.67 16.74 24.35
CA ASN D 87 -24.47 18.04 25.03
C ASN D 87 -23.03 18.10 25.54
N VAL D 88 -22.26 19.11 25.10
CA VAL D 88 -20.83 19.20 25.50
C VAL D 88 -20.55 20.59 26.04
N CYS D 89 -20.02 20.68 27.27
CA CYS D 89 -19.70 21.96 27.90
C CYS D 89 -20.85 23.00 27.98
N GLY D 90 -22.10 22.56 27.97
CA GLY D 90 -23.27 23.46 27.97
C GLY D 90 -23.72 23.95 26.59
N GLN D 91 -23.25 23.36 25.50
CA GLN D 91 -23.76 23.61 24.14
C GLN D 91 -24.33 22.33 23.55
N GLU D 92 -25.58 22.32 23.08
CA GLU D 92 -26.13 21.14 22.41
C GLU D 92 -25.54 21.01 21.01
N LEU D 93 -24.48 20.20 20.84
CA LEU D 93 -23.70 20.22 19.61
C LEU D 93 -24.46 19.77 18.36
N THR D 94 -25.49 18.94 18.44
CA THR D 94 -26.26 18.54 17.26
C THR D 94 -27.15 19.67 16.72
N ALA D 95 -27.45 20.68 17.54
CA ALA D 95 -28.17 21.87 17.10
C ALA D 95 -27.29 22.93 16.42
N LEU D 96 -25.95 22.92 16.60
CA LEU D 96 -25.09 23.95 16.04
C LEU D 96 -25.06 23.88 14.51
N ASP D 97 -24.73 22.72 13.95
CA ASP D 97 -24.94 22.40 12.53
C ASP D 97 -24.44 23.47 11.53
N ALA D 98 -23.25 24.03 11.78
CA ALA D 98 -22.73 25.23 11.09
C ALA D 98 -21.21 25.40 11.27
N ALA D 99 -20.67 26.54 10.83
CA ALA D 99 -19.35 27.05 11.18
C ALA D 99 -19.15 27.33 12.68
N ALA D 100 -20.22 27.40 13.47
CA ALA D 100 -20.19 27.42 14.94
C ALA D 100 -19.67 26.11 15.54
N LEU D 101 -20.02 24.94 14.98
CA LEU D 101 -19.52 23.66 15.46
C LEU D 101 -18.00 23.59 15.37
N ARG D 102 -17.40 24.10 14.30
CA ARG D 102 -15.92 24.05 14.16
C ARG D 102 -15.23 25.07 15.08
N GLN D 103 -15.98 25.89 15.81
CA GLN D 103 -15.39 26.72 16.89
C GLN D 103 -15.52 25.96 18.23
N ALA D 104 -16.59 25.16 18.40
CA ALA D 104 -16.73 24.31 19.60
C ALA D 104 -15.64 23.25 19.64
N ARG D 105 -15.29 22.63 18.52
CA ARG D 105 -14.30 21.53 18.49
C ARG D 105 -12.91 22.03 18.88
N GLN D 106 -12.75 23.35 19.02
CA GLN D 106 -11.45 23.90 19.49
C GLN D 106 -11.27 23.57 20.98
N ASN D 107 -12.36 23.55 21.75
CA ASN D 107 -12.25 23.33 23.22
C ASN D 107 -12.21 21.83 23.53
N ILE D 108 -12.50 20.95 22.56
CA ILE D 108 -12.36 19.49 22.83
C ILE D 108 -11.16 18.97 22.05
N GLY D 109 -10.06 18.61 22.74
CA GLY D 109 -8.82 18.10 22.10
C GLY D 109 -8.89 16.61 21.80
N MET D 110 -7.87 16.04 21.11
CA MET D 110 -7.87 14.60 20.89
C MET D 110 -6.47 14.05 20.63
N VAL D 111 -6.15 12.89 21.22
CA VAL D 111 -4.93 12.12 20.96
C VAL D 111 -5.31 10.74 20.43
N PHE D 112 -4.59 10.27 19.42
CA PHE D 112 -4.93 9.08 18.63
C PHE D 112 -4.00 7.90 18.92
N GLN D 113 -4.45 6.68 18.61
CA GLN D 113 -3.59 5.48 18.76
C GLN D 113 -2.33 5.54 17.89
N GLN D 114 -2.46 5.31 16.57
CA GLN D 114 -1.27 5.56 15.70
C GLN D 114 -1.13 7.07 15.76
N PHE D 115 0.02 7.67 15.45
CA PHE D 115 0.23 9.02 16.02
C PHE D 115 -0.48 10.16 15.25
N ASN D 116 -0.76 10.03 13.94
CA ASN D 116 -1.54 11.01 13.14
C ASN D 116 -0.74 12.32 13.19
N LEU D 117 0.58 12.26 13.00
CA LEU D 117 1.42 13.48 12.83
C LEU D 117 1.90 13.89 11.45
N LEU D 118 1.84 15.17 11.09
CA LEU D 118 2.22 15.62 9.73
C LEU D 118 3.70 15.28 9.72
N SER D 119 4.20 14.63 8.66
CA SER D 119 5.61 14.16 8.67
C SER D 119 6.56 15.14 8.01
N ASN D 120 6.06 16.06 7.18
CA ASN D 120 6.94 16.94 6.45
C ASN D 120 7.12 18.31 7.12
N ARG D 121 6.98 18.38 8.44
CA ARG D 121 7.25 19.61 9.16
C ARG D 121 7.71 19.27 10.58
N THR D 122 8.54 20.15 11.14
CA THR D 122 9.24 19.87 12.39
C THR D 122 8.27 19.88 13.57
N VAL D 123 8.74 19.32 14.70
CA VAL D 123 7.84 19.11 15.84
C VAL D 123 7.29 20.44 16.34
N ALA D 124 8.12 21.48 16.37
CA ALA D 124 7.61 22.77 16.82
C ALA D 124 6.44 23.23 15.98
N ASP D 125 6.51 23.02 14.66
CA ASP D 125 5.38 23.35 13.79
C ASP D 125 4.20 22.41 13.98
N ASN D 126 4.46 21.12 14.20
CA ASN D 126 3.34 20.19 14.49
C ASN D 126 2.59 20.69 15.73
N VAL D 127 3.31 21.11 16.76
CA VAL D 127 2.68 21.66 18.01
C VAL D 127 2.00 23.00 17.68
N ALA D 128 2.62 23.83 16.84
CA ALA D 128 2.08 25.17 16.52
C ALA D 128 0.86 25.10 15.60
N PHE D 129 0.60 23.94 14.98
CA PHE D 129 -0.49 23.87 13.96
C PHE D 129 -1.86 24.26 14.53
N PRO D 130 -2.33 23.80 15.71
CA PRO D 130 -3.62 24.26 16.25
C PRO D 130 -3.65 25.78 16.52
N LEU D 131 -2.57 26.33 17.07
CA LEU D 131 -2.50 27.79 17.35
C LEU D 131 -2.60 28.55 16.03
N GLU D 132 -1.91 28.07 14.99
CA GLU D 132 -1.96 28.74 13.65
C GLU D 132 -3.39 28.68 13.13
N ILE D 133 -4.07 27.55 13.33
CA ILE D 133 -5.45 27.38 12.78
C ILE D 133 -6.39 28.42 13.42
N ALA D 134 -6.32 28.62 14.74
CA ALA D 134 -7.29 29.54 15.36
C ALA D 134 -7.07 30.96 14.80
N GLY D 135 -5.81 31.39 14.64
CA GLY D 135 -5.57 32.77 14.28
C GLY D 135 -4.82 33.57 15.32
N TRP D 136 -3.90 32.94 16.05
CA TRP D 136 -3.08 33.67 16.99
C TRP D 136 -1.95 34.39 16.26
N PRO D 137 -1.55 35.57 16.72
CA PRO D 137 -0.33 36.19 16.19
C PRO D 137 0.89 35.36 16.53
N SER D 138 1.89 35.40 15.64
CA SER D 138 3.01 34.46 15.73
C SER D 138 3.77 34.58 17.05
N GLU D 139 3.85 35.77 17.63
CA GLU D 139 4.63 35.94 18.85
C GLU D 139 4.08 35.08 19.99
N LYS D 140 2.77 35.08 20.19
CA LYS D 140 2.18 34.22 21.21
C LYS D 140 2.32 32.75 20.84
N ILE D 141 2.28 32.45 19.55
CA ILE D 141 2.45 31.07 19.12
C ILE D 141 3.80 30.53 19.56
N LYS D 142 4.84 31.36 19.45
CA LYS D 142 6.16 30.89 19.87
C LYS D 142 6.21 30.60 21.36
N ALA D 143 5.64 31.48 22.19
CA ALA D 143 5.66 31.26 23.63
C ALA D 143 4.90 29.99 24.00
N ARG D 144 3.73 29.79 23.39
CA ARG D 144 2.96 28.59 23.71
C ARG D 144 3.67 27.33 23.24
N VAL D 145 4.29 27.36 22.06
CA VAL D 145 5.00 26.20 21.56
C VAL D 145 6.17 25.88 22.49
N LYS D 146 6.77 26.90 23.09
CA LYS D 146 7.83 26.62 24.07
C LYS D 146 7.25 26.00 25.35
N GLU D 147 6.20 26.61 25.89
CA GLU D 147 5.66 26.15 27.17
C GLU D 147 5.12 24.74 27.06
N CYS D 148 4.08 24.54 26.25
CA CYS D 148 3.45 23.23 26.17
C CYS D 148 4.35 22.17 25.55
N LEU D 149 5.57 22.53 25.17
CA LEU D 149 6.54 21.55 24.71
C LEU D 149 7.56 21.21 25.78
N GLU D 150 7.85 22.13 26.71
CA GLU D 150 8.68 21.75 27.85
C GLU D 150 7.89 20.95 28.88
N ILE D 151 6.57 21.15 28.95
CA ILE D 151 5.76 20.46 29.96
C ILE D 151 5.87 18.96 29.80
N VAL D 152 5.89 18.48 28.54
CA VAL D 152 6.00 17.02 28.26
C VAL D 152 7.48 16.61 28.35
N GLY D 153 8.37 17.60 28.52
CA GLY D 153 9.83 17.33 28.62
C GLY D 153 10.42 16.92 27.28
N LEU D 154 10.04 17.62 26.21
CA LEU D 154 10.54 17.33 24.87
C LEU D 154 11.12 18.56 24.18
N THR D 155 11.51 19.58 24.94
CA THR D 155 12.06 20.77 24.31
C THR D 155 13.45 20.53 23.74
N GLU D 156 14.10 19.43 24.12
CA GLU D 156 15.44 19.14 23.61
C GLU D 156 15.42 18.65 22.18
N ARG D 157 14.26 18.28 21.65
CA ARG D 157 14.13 17.79 20.28
C ARG D 157 13.17 18.65 19.46
N ALA D 158 13.27 19.98 19.59
CA ALA D 158 12.28 20.86 18.99
C ALA D 158 12.52 21.08 17.50
N GLY D 159 13.60 20.57 16.95
CA GLY D 159 13.90 20.76 15.54
C GLY D 159 13.80 19.53 14.67
N HIS D 160 13.65 18.34 15.25
CA HIS D 160 13.68 17.11 14.49
C HIS D 160 12.36 16.93 13.73
N TYR D 161 12.30 15.86 12.95
CA TYR D 161 11.11 15.47 12.21
C TYR D 161 10.55 14.17 12.76
N PRO D 162 9.26 13.93 12.57
CA PRO D 162 8.66 12.69 13.10
C PRO D 162 9.36 11.42 12.64
N ALA D 163 10.15 11.47 11.57
CA ALA D 163 10.91 10.29 11.17
C ALA D 163 12.10 10.03 12.07
N GLN D 164 12.43 10.95 12.97
CA GLN D 164 13.57 10.83 13.87
C GLN D 164 13.17 10.74 15.33
N LEU D 165 12.01 10.15 15.63
CA LEU D 165 11.50 10.04 16.99
C LEU D 165 11.00 8.62 17.23
N SER D 166 10.91 8.26 18.51
CA SER D 166 10.41 6.95 18.90
C SER D 166 8.91 7.02 19.20
N GLY D 167 8.31 5.85 19.43
CA GLY D 167 6.89 5.79 19.66
C GLY D 167 6.45 6.65 20.84
N GLY D 168 7.14 6.51 21.97
CA GLY D 168 6.75 7.28 23.17
C GLY D 168 6.87 8.77 22.92
N GLN D 169 7.92 9.18 22.19
CA GLN D 169 8.14 10.62 21.88
C GLN D 169 7.00 11.13 20.98
N LYS D 170 6.57 10.32 20.01
CA LYS D 170 5.48 10.73 19.08
C LYS D 170 4.18 10.91 19.88
N GLN D 171 3.92 10.01 20.84
CA GLN D 171 2.71 10.14 21.70
C GLN D 171 2.80 11.43 22.51
N ARG D 172 3.99 11.77 23.00
CA ARG D 172 4.19 13.04 23.77
C ARG D 172 3.90 14.23 22.86
N VAL D 173 4.32 14.16 21.59
CA VAL D 173 4.03 15.27 20.62
C VAL D 173 2.51 15.40 20.48
N GLY D 174 1.79 14.28 20.40
CA GLY D 174 0.32 14.31 20.30
C GLY D 174 -0.32 14.95 21.52
N ILE D 175 0.16 14.61 22.72
CA ILE D 175 -0.36 15.22 23.98
C ILE D 175 -0.05 16.72 23.97
N ALA D 176 1.15 17.10 23.51
CA ALA D 176 1.58 18.52 23.49
C ALA D 176 0.81 19.29 22.42
N ARG D 177 0.45 18.64 21.30
CA ARG D 177 -0.42 19.34 20.32
C ARG D 177 -1.83 19.46 20.89
N ALA D 178 -2.38 18.36 21.42
CA ALA D 178 -3.73 18.36 22.02
C ALA D 178 -3.83 19.46 23.08
N LEU D 179 -2.75 19.73 23.81
CA LEU D 179 -2.82 20.69 24.95
C LEU D 179 -2.66 22.14 24.47
N ALA D 180 -2.06 22.39 23.30
CA ALA D 180 -1.81 23.80 22.92
C ALA D 180 -3.07 24.67 22.75
N PRO D 181 -4.25 24.19 22.31
CA PRO D 181 -5.47 25.02 22.27
C PRO D 181 -6.01 25.28 23.68
N LYS D 182 -5.27 24.86 24.72
CA LYS D 182 -5.79 24.98 26.11
C LYS D 182 -7.18 24.34 26.16
N PRO D 183 -7.39 23.03 25.85
CA PRO D 183 -8.73 22.49 25.79
C PRO D 183 -9.31 22.08 27.14
N GLN D 184 -10.61 22.31 27.35
CA GLN D 184 -11.30 21.88 28.59
C GLN D 184 -11.38 20.36 28.67
N VAL D 185 -11.63 19.67 27.56
CA VAL D 185 -11.78 18.19 27.56
C VAL D 185 -10.74 17.59 26.61
N ILE D 186 -10.01 16.56 27.02
CA ILE D 186 -9.06 15.87 26.09
C ILE D 186 -9.57 14.45 25.90
N LEU D 187 -9.71 13.99 24.67
CA LEU D 187 -10.29 12.65 24.40
C LEU D 187 -9.14 11.78 23.89
N ALA D 188 -8.92 10.60 24.48
CA ALA D 188 -7.76 9.79 24.06
C ALA D 188 -8.25 8.45 23.52
N ASP D 189 -7.78 8.05 22.34
CA ASP D 189 -8.25 6.78 21.72
C ASP D 189 -7.15 5.73 21.81
N GLU D 190 -7.21 4.83 22.79
CA GLU D 190 -6.21 3.73 22.89
C GLU D 190 -4.78 4.27 22.73
N PRO D 191 -4.33 5.34 23.45
CA PRO D 191 -3.02 5.93 23.17
C PRO D 191 -1.76 5.08 23.42
N THR D 192 -1.73 4.29 24.51
CA THR D 192 -0.47 3.56 24.86
C THR D 192 -0.55 2.05 24.59
N SER D 193 -1.58 1.58 23.87
CA SER D 193 -1.74 0.12 23.69
C SER D 193 -0.52 -0.47 22.95
N ALA D 194 -0.07 0.19 21.87
CA ALA D 194 1.10 -0.29 21.09
C ALA D 194 2.39 -0.22 21.92
N LEU D 195 2.55 0.81 22.76
CA LEU D 195 3.81 1.03 23.50
C LEU D 195 4.19 -0.11 24.46
N ASP D 196 5.48 -0.43 24.57
CA ASP D 196 5.98 -1.45 25.52
C ASP D 196 5.87 -0.87 26.94
N PRO D 197 5.87 -1.67 28.05
CA PRO D 197 5.67 -1.14 29.40
C PRO D 197 6.55 0.04 29.84
N ALA D 198 7.82 0.09 29.44
CA ALA D 198 8.66 1.19 29.94
C ALA D 198 8.12 2.53 29.43
N THR D 199 7.79 2.60 28.13
CA THR D 199 7.20 3.84 27.54
C THR D 199 5.78 4.08 28.10
N THR D 200 5.01 3.02 28.31
CA THR D 200 3.60 3.16 28.76
C THR D 200 3.54 3.87 30.10
N ARG D 201 4.45 3.55 31.02
CA ARG D 201 4.49 4.27 32.33
C ARG D 201 4.82 5.75 32.11
N SER D 202 5.74 6.06 31.20
CA SER D 202 6.17 7.47 30.96
C SER D 202 5.01 8.28 30.37
N VAL D 203 4.24 7.71 29.45
CA VAL D 203 3.14 8.48 28.80
C VAL D 203 1.98 8.70 29.79
N LEU D 204 1.64 7.70 30.59
CA LEU D 204 0.59 7.84 31.63
C LEU D 204 0.98 8.84 32.73
N GLU D 205 2.25 8.87 33.11
CA GLU D 205 2.73 9.86 34.12
C GLU D 205 2.53 11.28 33.58
N CYS D 206 2.76 11.47 32.28
CA CYS D 206 2.55 12.81 31.65
C CYS D 206 1.08 13.19 31.76
N LEU D 207 0.17 12.23 31.58
CA LEU D 207 -1.29 12.50 31.71
C LEU D 207 -1.62 12.95 33.13
N GLU D 208 -0.96 12.35 34.14
CA GLU D 208 -1.16 12.77 35.55
C GLU D 208 -0.73 14.23 35.69
N ASP D 209 0.36 14.62 35.03
CA ASP D 209 0.85 16.02 35.08
C ASP D 209 -0.21 16.95 34.48
N ILE D 210 -0.88 16.51 33.42
CA ILE D 210 -1.93 17.35 32.76
C ILE D 210 -3.09 17.60 33.74
N ASN D 211 -3.45 16.59 34.55
CA ASN D 211 -4.61 16.73 35.48
C ASN D 211 -4.34 17.82 36.53
N LYS D 212 -3.12 18.35 36.60
CA LYS D 212 -2.75 19.37 37.63
C LYS D 212 -3.51 20.62 37.17
N ARG D 213 -3.30 21.04 35.92
CA ARG D 213 -3.95 22.27 35.39
C ARG D 213 -5.45 22.03 35.18
N PHE D 214 -6.16 23.01 34.61
CA PHE D 214 -7.63 22.90 34.41
C PHE D 214 -7.93 22.04 33.18
N ASN D 215 -7.64 20.74 33.22
CA ASN D 215 -8.01 19.84 32.09
C ASN D 215 -8.87 18.72 32.68
N VAL D 216 -10.14 18.62 32.26
CA VAL D 216 -11.04 17.64 32.94
C VAL D 216 -11.53 16.60 31.92
N THR D 217 -12.12 15.53 32.42
CA THR D 217 -12.70 14.51 31.54
C THR D 217 -11.69 14.05 30.50
N ILE D 218 -10.57 13.46 30.91
CA ILE D 218 -9.63 12.90 29.89
C ILE D 218 -10.11 11.49 29.54
N VAL D 219 -11.24 11.35 28.83
CA VAL D 219 -11.82 10.01 28.49
C VAL D 219 -10.79 9.14 27.72
N ILE D 220 -10.30 8.04 28.31
CA ILE D 220 -9.26 7.19 27.66
C ILE D 220 -9.89 5.84 27.27
N VAL D 221 -10.05 5.58 25.96
CA VAL D 221 -10.57 4.27 25.55
C VAL D 221 -9.48 3.21 25.62
N THR D 222 -9.76 1.99 26.09
CA THR D 222 -8.77 0.90 26.14
C THR D 222 -9.38 -0.49 26.07
N HIS D 223 -8.75 -1.39 25.29
CA HIS D 223 -9.24 -2.79 25.22
C HIS D 223 -8.50 -3.65 26.25
N GLU D 224 -8.20 -3.10 27.44
CA GLU D 224 -7.40 -3.84 28.46
C GLU D 224 -7.65 -3.25 29.84
N MET D 225 -7.09 -3.84 30.91
CA MET D 225 -7.40 -3.33 32.27
C MET D 225 -6.21 -2.67 32.97
N SER D 226 -4.98 -2.93 32.53
CA SER D 226 -3.82 -2.37 33.29
C SER D 226 -3.91 -0.84 33.29
N VAL D 227 -4.22 -0.24 32.15
CA VAL D 227 -4.34 1.24 32.04
C VAL D 227 -5.52 1.70 32.91
N ILE D 228 -6.64 0.98 32.88
CA ILE D 228 -7.85 1.44 33.62
C ILE D 228 -7.56 1.50 35.14
N ARG D 229 -6.94 0.46 35.69
CA ARG D 229 -6.75 0.46 37.17
C ARG D 229 -5.80 1.58 37.57
N ARG D 230 -4.71 1.77 36.82
CA ARG D 230 -3.68 2.77 37.19
C ARG D 230 -4.11 4.24 37.29
N LEU D 231 -4.88 4.76 36.33
CA LEU D 231 -5.24 6.19 36.38
C LEU D 231 -6.76 6.57 36.12
N CYS D 232 -7.66 5.61 36.30
CA CYS D 232 -9.07 5.98 36.10
C CYS D 232 -9.70 6.16 37.48
N ASP D 233 -10.55 7.18 37.62
CA ASP D 233 -11.34 7.43 38.86
C ASP D 233 -12.64 6.63 38.72
N ARG D 234 -13.25 6.64 37.52
CA ARG D 234 -14.50 5.89 37.26
C ARG D 234 -14.36 5.18 35.90
N ALA D 235 -15.09 4.08 35.68
CA ALA D 235 -14.94 3.34 34.43
C ALA D 235 -16.28 2.78 33.94
N ALA D 236 -16.44 2.57 32.64
CA ALA D 236 -17.64 2.00 32.05
C ALA D 236 -17.34 0.72 31.27
N LEU D 237 -18.23 -0.26 31.31
CA LEU D 237 -18.13 -1.59 30.73
C LEU D 237 -19.27 -1.81 29.73
N LEU D 238 -19.09 -2.58 28.66
CA LEU D 238 -20.17 -2.91 27.69
C LEU D 238 -20.09 -4.31 27.07
N ASP D 239 -21.23 -4.74 26.52
CA ASP D 239 -21.39 -5.88 25.64
C ASP D 239 -22.09 -5.44 24.34
N LYS D 240 -21.40 -5.56 23.20
CA LYS D 240 -21.91 -5.33 21.83
C LYS D 240 -22.82 -4.09 21.68
N GLY D 241 -22.34 -2.95 22.20
CA GLY D 241 -22.96 -1.63 22.10
C GLY D 241 -23.85 -1.21 23.27
N LYS D 242 -23.97 -2.08 24.28
CA LYS D 242 -24.88 -1.77 25.42
C LYS D 242 -24.08 -1.74 26.72
N VAL D 243 -23.94 -0.57 27.34
CA VAL D 243 -23.22 -0.39 28.61
C VAL D 243 -23.91 -1.19 29.71
N VAL D 244 -23.14 -2.08 30.34
CA VAL D 244 -23.74 -3.00 31.34
C VAL D 244 -23.56 -2.43 32.75
N GLU D 245 -22.42 -1.78 33.03
CA GLU D 245 -22.17 -1.30 34.40
C GLU D 245 -20.98 -0.34 34.47
N ILE D 246 -21.16 0.73 35.25
CA ILE D 246 -20.08 1.75 35.48
C ILE D 246 -19.56 1.55 36.89
N VAL D 247 -18.25 1.40 37.06
CA VAL D 247 -17.63 1.14 38.40
C VAL D 247 -16.81 2.35 38.83
N GLU D 248 -16.31 2.32 40.07
CA GLU D 248 -15.40 3.40 40.55
C GLU D 248 -14.08 2.71 40.90
N VAL D 249 -12.95 3.19 40.37
CA VAL D 249 -11.67 2.48 40.62
C VAL D 249 -10.98 3.09 41.85
N ARG D 250 -10.96 2.34 42.96
CA ARG D 250 -10.30 2.83 44.20
C ARG D 250 -9.12 1.90 44.53
N GLY D 251 -8.05 2.44 45.11
CA GLY D 251 -6.88 1.62 45.51
C GLY D 251 -6.49 0.63 44.42
N ASN D 252 -6.57 1.06 43.15
CA ASN D 252 -6.20 0.21 41.99
C ASN D 252 -6.90 -1.15 41.99
N GLN D 253 -8.22 -1.17 42.21
CA GLN D 253 -9.03 -2.42 42.08
C GLN D 253 -10.32 -2.01 41.36
N ILE D 254 -11.30 -2.89 41.21
CA ILE D 254 -12.60 -2.52 40.57
C ILE D 254 -13.85 -2.97 41.34
N HIS D 255 -13.86 -4.21 41.88
CA HIS D 255 -15.04 -4.75 42.62
C HIS D 255 -16.32 -4.71 41.78
N ALA D 256 -16.32 -5.32 40.60
CA ALA D 256 -17.50 -5.30 39.71
C ALA D 256 -18.72 -5.99 40.33
N GLN D 257 -19.88 -5.33 40.29
CA GLN D 257 -21.17 -5.92 40.75
C GLN D 257 -21.84 -6.73 39.64
N SER D 258 -21.75 -6.27 38.38
CA SER D 258 -22.48 -6.92 37.25
C SER D 258 -22.02 -8.36 37.00
N ASP D 259 -22.90 -9.18 36.41
CA ASP D 259 -22.57 -10.60 36.14
C ASP D 259 -21.71 -10.65 34.88
N ILE D 260 -22.24 -10.36 33.69
CA ILE D 260 -21.36 -10.45 32.49
C ILE D 260 -20.16 -9.53 32.70
N GLY D 261 -20.31 -8.55 33.60
CA GLY D 261 -19.21 -7.61 33.90
C GLY D 261 -18.04 -8.34 34.53
N ARG D 262 -18.29 -9.33 35.37
CA ARG D 262 -17.19 -10.01 36.09
C ARG D 262 -16.22 -10.62 35.08
N GLU D 263 -16.74 -11.15 33.97
CA GLU D 263 -15.88 -11.77 32.93
C GLU D 263 -14.93 -10.72 32.34
N LEU D 264 -15.41 -9.50 32.11
CA LEU D 264 -14.54 -8.42 31.58
C LEU D 264 -13.42 -8.09 32.58
N ILE D 265 -13.72 -8.08 33.88
CA ILE D 265 -12.72 -7.64 34.90
C ILE D 265 -11.58 -8.66 35.04
N ARG D 266 -11.81 -9.95 34.76
CA ARG D 266 -10.76 -10.99 34.97
C ARG D 266 -9.45 -10.57 34.31
N GLU D 267 -9.51 -9.70 33.29
CA GLU D 267 -8.30 -9.24 32.58
C GLU D 267 -7.27 -8.64 33.56
N ASP D 268 -7.67 -8.38 34.81
CA ASP D 268 -6.75 -7.73 35.80
C ASP D 268 -5.36 -8.35 35.69
#